data_7MSP
#
_entry.id   7MSP
#
_cell.length_a   58.850
_cell.length_b   101.920
_cell.length_c   135.830
_cell.angle_alpha   90.000
_cell.angle_beta   90.000
_cell.angle_gamma   90.000
#
_symmetry.space_group_name_H-M   'P 21 21 21'
#
loop_
_entity.id
_entity.type
_entity.pdbx_description
1 polymer 'SPbeta prophage-derived glycosyltransferase SunS'
2 non-polymer "URIDINE-5'-DIPHOSPHATE-GLUCOSE"
3 non-polymer 'MAGNESIUM ION'
4 water water
#
_entity_poly.entity_id   1
_entity_poly.type   'polypeptide(L)'
_entity_poly.pdbx_seq_one_letter_code
;MKLSDIYLELKKGYADSLLYSDLSLLVNIMEYEKDIDVMSIQSLVAGYEKSDTPTITCGIIVYNESKRIKKCLNSVKDDF
NEIIVLDSYSTDDTVDIIKCDFPDVEIKYEKWKNDFSYARNKIIEYATSEWIYFIDADNLYSKENKGKIAKVARVLEFFS
IDCVVSPYIEEYTGHLYSDTRRMFRLNGKVKFHGKVHEEPMNYNHSLPFNFIVNLKVYHNGYNPSENNIKSKTRRNINLT
EEMLRLEPENPKWLFFFGRELHLLDKDEEAIDYLKKSINNYKKFNDQRHFIDALVLLCTLLLQRNNYVDLTLYLDILETE
YPRCVDVDYFRSAIL
;
_entity_poly.pdbx_strand_id   A,B
#
# COMPACT_ATOMS: atom_id res chain seq x y z
N LEU A 3 12.25 -25.37 15.37
CA LEU A 3 10.81 -25.39 15.18
C LEU A 3 10.42 -25.48 13.70
N SER A 4 11.25 -24.90 12.84
CA SER A 4 10.99 -25.06 11.41
C SER A 4 11.14 -26.52 11.00
N ASP A 5 12.10 -27.23 11.61
CA ASP A 5 12.21 -28.68 11.40
C ASP A 5 10.94 -29.38 11.84
N ILE A 6 10.47 -29.09 13.06
CA ILE A 6 9.26 -29.75 13.54
C ILE A 6 8.10 -29.47 12.59
N TYR A 7 8.01 -28.25 12.08
CA TYR A 7 6.92 -27.91 11.16
C TYR A 7 7.04 -28.69 9.86
N LEU A 8 8.25 -28.77 9.31
CA LEU A 8 8.43 -29.46 8.04
C LEU A 8 7.96 -30.91 8.13
N GLU A 9 8.14 -31.54 9.29
CA GLU A 9 7.70 -32.92 9.49
C GLU A 9 6.20 -32.99 9.78
N LEU A 10 5.66 -32.03 10.56
CA LEU A 10 4.22 -31.98 10.76
C LEU A 10 3.49 -31.77 9.44
N LYS A 11 4.09 -31.01 8.53
CA LYS A 11 3.53 -30.88 7.18
C LYS A 11 3.59 -32.20 6.44
N LYS A 12 4.79 -32.83 6.41
CA LYS A 12 4.97 -34.14 5.78
C LYS A 12 4.17 -35.20 6.52
N GLY A 13 4.68 -35.63 7.68
CA GLY A 13 4.02 -36.63 8.50
C GLY A 13 2.67 -36.21 9.02
N TYR A 14 1.61 -36.52 8.25
CA TYR A 14 0.22 -36.19 8.55
C TYR A 14 -0.01 -34.75 8.99
N ALA A 15 -0.53 -33.95 8.06
CA ALA A 15 -0.74 -32.51 8.23
C ALA A 15 -2.21 -32.18 8.45
N ASP A 16 -2.92 -32.98 9.23
CA ASP A 16 -4.26 -32.61 9.66
C ASP A 16 -4.34 -32.62 11.18
N SER A 17 -3.22 -32.76 11.87
CA SER A 17 -3.20 -32.60 13.31
C SER A 17 -3.57 -31.16 13.69
N LEU A 18 -4.38 -31.04 14.75
CA LEU A 18 -4.60 -29.72 15.33
C LEU A 18 -3.29 -29.00 15.67
N LEU A 19 -2.21 -29.73 15.99
CA LEU A 19 -0.94 -29.05 16.11
C LEU A 19 -0.43 -28.47 14.79
N TYR A 20 -0.80 -29.05 13.66
CA TYR A 20 -0.33 -28.50 12.39
C TYR A 20 -0.99 -27.15 12.12
N SER A 21 -2.31 -27.14 12.01
CA SER A 21 -3.06 -25.90 11.83
C SER A 21 -2.55 -24.80 12.75
N ASP A 22 -2.55 -25.07 14.06
CA ASP A 22 -2.32 -24.01 15.02
C ASP A 22 -0.93 -23.43 14.89
N LEU A 23 0.06 -24.29 14.68
CA LEU A 23 1.41 -23.82 14.39
C LEU A 23 1.44 -22.96 13.12
N SER A 24 0.55 -23.23 12.17
CA SER A 24 0.58 -22.44 10.96
C SER A 24 0.07 -21.01 11.17
N LEU A 25 -0.43 -20.69 12.37
CA LEU A 25 -0.75 -19.31 12.68
C LEU A 25 0.49 -18.48 12.84
N LEU A 26 1.63 -19.11 13.11
CA LEU A 26 2.91 -18.46 13.29
C LEU A 26 3.55 -18.23 11.92
N VAL A 27 4.05 -17.01 11.71
CA VAL A 27 4.53 -16.60 10.39
C VAL A 27 6.04 -16.76 10.27
N ASN A 28 6.80 -16.24 11.22
CA ASN A 28 8.24 -16.21 11.03
C ASN A 28 8.91 -17.39 11.73
N ILE A 29 8.35 -18.59 11.52
CA ILE A 29 8.86 -19.81 12.16
C ILE A 29 10.33 -20.01 11.82
N MET A 30 10.66 -19.93 10.53
CA MET A 30 12.03 -19.97 10.06
C MET A 30 12.99 -19.15 10.91
N GLU A 31 12.50 -18.11 11.59
CA GLU A 31 13.36 -17.20 12.31
C GLU A 31 13.60 -17.63 13.75
N TYR A 32 12.80 -18.55 14.28
CA TYR A 32 12.93 -18.94 15.67
C TYR A 32 14.03 -20.00 15.80
N GLU A 33 15.10 -19.69 16.53
CA GLU A 33 16.33 -20.49 16.51
C GLU A 33 16.65 -21.20 17.81
N LYS A 34 15.78 -21.10 18.83
CA LYS A 34 16.00 -21.83 20.08
C LYS A 34 15.69 -23.31 19.89
N ASP A 35 16.48 -24.12 20.60
CA ASP A 35 16.52 -25.57 20.38
C ASP A 35 15.30 -26.20 21.03
N ILE A 36 14.49 -26.86 20.20
CA ILE A 36 13.36 -27.64 20.67
C ILE A 36 13.68 -29.09 20.41
N ASP A 37 13.80 -29.88 21.48
CA ASP A 37 14.21 -31.27 21.39
C ASP A 37 13.22 -32.10 20.58
N VAL A 38 13.49 -32.18 19.26
CA VAL A 38 12.70 -33.00 18.35
C VAL A 38 12.90 -34.46 18.74
N MET A 39 11.80 -35.12 19.04
CA MET A 39 11.67 -36.38 19.75
C MET A 39 10.90 -37.43 18.93
N SER A 40 9.67 -37.09 18.54
CA SER A 40 8.72 -37.87 17.76
C SER A 40 7.45 -37.06 17.57
N ILE A 41 7.11 -36.72 16.32
CA ILE A 41 5.92 -35.90 16.07
C ILE A 41 4.65 -36.58 16.54
N GLN A 42 4.69 -37.89 16.75
CA GLN A 42 3.51 -38.60 17.20
C GLN A 42 3.10 -38.18 18.61
N SER A 43 3.99 -38.37 19.58
CA SER A 43 3.63 -37.97 20.92
C SER A 43 3.49 -36.44 21.04
N LEU A 44 4.13 -35.70 20.15
CA LEU A 44 3.91 -34.26 20.14
C LEU A 44 2.48 -33.94 19.69
N VAL A 45 2.04 -34.53 18.58
CA VAL A 45 0.66 -34.32 18.13
C VAL A 45 -0.32 -34.68 19.23
N ALA A 46 -0.22 -35.90 19.74
CA ALA A 46 -1.15 -36.36 20.76
C ALA A 46 -1.07 -35.49 22.01
N GLY A 47 0.14 -35.14 22.42
CA GLY A 47 0.30 -34.33 23.62
C GLY A 47 -0.33 -32.95 23.51
N TYR A 48 -0.37 -32.39 22.29
CA TYR A 48 -0.97 -31.07 22.09
C TYR A 48 -2.47 -31.12 22.39
N GLU A 49 -3.14 -32.19 21.93
CA GLU A 49 -4.59 -32.36 22.12
C GLU A 49 -4.99 -32.17 23.57
N LYS A 50 -4.12 -32.56 24.50
CA LYS A 50 -4.41 -32.44 25.93
C LYS A 50 -3.82 -31.19 26.56
N SER A 51 -3.05 -30.38 25.83
CA SER A 51 -2.61 -29.11 26.38
C SER A 51 -3.82 -28.22 26.70
N ASP A 52 -3.65 -27.38 27.71
CA ASP A 52 -4.65 -26.41 28.11
C ASP A 52 -4.73 -25.23 27.12
N THR A 53 -5.96 -24.75 26.84
CA THR A 53 -6.20 -23.55 26.03
C THR A 53 -6.13 -22.37 26.98
N PRO A 54 -5.05 -21.59 26.93
CA PRO A 54 -4.88 -20.48 27.86
C PRO A 54 -6.00 -19.46 27.77
N THR A 55 -6.24 -18.76 28.89
CA THR A 55 -7.12 -17.60 28.92
C THR A 55 -6.34 -16.32 28.51
N ILE A 56 -7.06 -15.35 27.92
CA ILE A 56 -6.44 -14.13 27.36
C ILE A 56 -7.25 -12.96 27.89
N THR A 57 -6.61 -12.00 28.51
CA THR A 57 -7.24 -10.72 28.78
C THR A 57 -6.96 -9.76 27.60
N CYS A 58 -7.97 -8.98 27.20
CA CYS A 58 -7.75 -7.91 26.24
C CYS A 58 -7.71 -6.61 27.04
N GLY A 59 -6.63 -5.83 26.87
CA GLY A 59 -6.48 -4.56 27.59
C GLY A 59 -6.60 -3.36 26.67
N ILE A 60 -7.33 -2.33 27.11
CA ILE A 60 -7.48 -1.09 26.33
C ILE A 60 -7.26 0.08 27.27
N ILE A 61 -6.25 0.89 26.99
CA ILE A 61 -6.11 2.16 27.68
C ILE A 61 -6.88 3.22 26.89
N VAL A 62 -7.69 4.03 27.59
CA VAL A 62 -8.56 4.99 26.89
C VAL A 62 -8.54 6.37 27.51
N TYR A 63 -8.60 7.39 26.66
CA TYR A 63 -8.91 8.75 27.09
C TYR A 63 -9.74 9.41 26.00
N ASN A 64 -11.00 9.74 26.33
CA ASN A 64 -11.90 10.50 25.47
C ASN A 64 -12.12 9.83 24.12
N GLU A 65 -12.65 8.62 24.18
CA GLU A 65 -12.83 7.81 22.98
C GLU A 65 -14.30 7.58 22.68
N SER A 66 -15.15 8.56 23.03
CA SER A 66 -16.59 8.43 22.82
C SER A 66 -16.90 8.03 21.39
N LYS A 67 -16.21 8.62 20.43
CA LYS A 67 -16.55 8.39 19.04
C LYS A 67 -16.20 6.99 18.54
N ARG A 68 -15.34 6.24 19.25
CA ARG A 68 -14.72 5.06 18.66
C ARG A 68 -14.88 3.79 19.51
N ILE A 69 -14.95 3.95 20.84
CA ILE A 69 -14.88 2.82 21.78
C ILE A 69 -15.92 1.74 21.47
N LYS A 70 -17.08 2.09 20.90
CA LYS A 70 -18.13 1.08 20.72
C LYS A 70 -17.80 0.12 19.57
N LYS A 71 -17.35 0.66 18.44
CA LYS A 71 -16.83 -0.17 17.35
C LYS A 71 -15.62 -0.97 17.80
N CYS A 72 -14.72 -0.34 18.55
CA CYS A 72 -13.58 -1.07 19.10
C CYS A 72 -14.04 -2.28 19.93
N LEU A 73 -14.85 -2.05 20.96
CA LEU A 73 -15.26 -3.18 21.84
C LEU A 73 -16.12 -4.20 21.10
N ASN A 74 -16.97 -3.75 20.16
CA ASN A 74 -17.73 -4.71 19.34
C ASN A 74 -16.79 -5.64 18.58
N SER A 75 -15.61 -5.16 18.24
CA SER A 75 -14.70 -6.02 17.49
C SER A 75 -14.01 -7.07 18.35
N VAL A 76 -13.91 -6.86 19.67
CA VAL A 76 -13.24 -7.81 20.56
C VAL A 76 -14.22 -8.53 21.51
N LYS A 77 -15.51 -8.26 21.42
CA LYS A 77 -16.39 -8.73 22.50
C LYS A 77 -16.52 -10.25 22.56
N ASP A 78 -16.24 -10.94 21.48
CA ASP A 78 -16.47 -12.39 21.44
C ASP A 78 -15.24 -13.21 21.80
N ASP A 79 -14.03 -12.65 21.73
CA ASP A 79 -12.85 -13.51 21.62
C ASP A 79 -11.93 -13.52 22.84
N PHE A 80 -12.32 -12.94 23.97
CA PHE A 80 -11.47 -12.82 25.16
C PHE A 80 -12.18 -13.25 26.44
N ASN A 81 -11.42 -13.89 27.35
CA ASN A 81 -11.97 -14.31 28.63
C ASN A 81 -12.31 -13.13 29.53
N GLU A 82 -11.72 -11.97 29.25
CA GLU A 82 -11.74 -10.80 30.11
C GLU A 82 -11.29 -9.58 29.29
N ILE A 83 -11.98 -8.48 29.48
CA ILE A 83 -11.66 -7.23 28.83
C ILE A 83 -11.53 -6.18 29.91
N ILE A 84 -10.36 -5.55 30.00
CA ILE A 84 -10.13 -4.48 30.97
C ILE A 84 -9.90 -3.18 30.20
N VAL A 85 -10.74 -2.19 30.46
CA VAL A 85 -10.55 -0.85 29.97
C VAL A 85 -10.02 0.02 31.10
N LEU A 86 -8.89 0.67 30.87
CA LEU A 86 -8.29 1.57 31.85
C LEU A 86 -8.48 3.01 31.38
N ASP A 87 -9.40 3.72 32.04
CA ASP A 87 -9.75 5.09 31.67
C ASP A 87 -8.91 6.09 32.46
N SER A 88 -8.45 7.15 31.77
CA SER A 88 -7.66 8.24 32.35
C SER A 88 -8.52 9.44 32.65
N TYR A 89 -9.71 9.20 33.18
CA TYR A 89 -10.66 10.24 33.56
C TYR A 89 -11.05 11.06 32.34
N SER A 90 -11.65 10.36 31.38
CA SER A 90 -12.22 11.01 30.22
C SER A 90 -13.28 12.04 30.62
N THR A 91 -13.37 13.09 29.82
CA THR A 91 -14.36 14.13 30.03
C THR A 91 -15.57 13.95 29.13
N ASP A 92 -15.49 13.05 28.16
CA ASP A 92 -16.62 12.73 27.31
C ASP A 92 -17.41 11.59 27.95
N ASP A 93 -18.31 10.98 27.20
CA ASP A 93 -19.18 9.94 27.78
C ASP A 93 -18.61 8.53 27.58
N THR A 94 -17.28 8.37 27.66
CA THR A 94 -16.67 7.08 27.33
C THR A 94 -17.11 5.98 28.29
N VAL A 95 -16.99 6.23 29.58
CA VAL A 95 -17.33 5.21 30.58
C VAL A 95 -18.80 4.81 30.47
N ASP A 96 -19.66 5.77 30.18
CA ASP A 96 -21.09 5.48 30.17
C ASP A 96 -21.48 4.63 28.97
N ILE A 97 -20.83 4.85 27.82
CA ILE A 97 -21.05 3.99 26.67
C ILE A 97 -20.66 2.55 27.02
N ILE A 98 -19.51 2.38 27.69
CA ILE A 98 -19.07 1.03 28.03
C ILE A 98 -19.99 0.39 29.05
N LYS A 99 -20.32 1.14 30.12
CA LYS A 99 -21.28 0.65 31.13
C LYS A 99 -22.58 0.23 30.49
N CYS A 100 -23.06 1.02 29.54
CA CYS A 100 -24.35 0.75 28.94
C CYS A 100 -24.30 -0.44 28.00
N ASP A 101 -23.36 -0.45 27.05
CA ASP A 101 -23.41 -1.45 26.00
C ASP A 101 -22.51 -2.65 26.24
N PHE A 102 -21.62 -2.60 27.21
CA PHE A 102 -20.64 -3.66 27.44
C PHE A 102 -20.49 -3.87 28.93
N PRO A 103 -21.55 -4.34 29.58
CA PRO A 103 -21.52 -4.48 31.04
C PRO A 103 -20.52 -5.54 31.52
N ASP A 104 -20.13 -6.49 30.69
CA ASP A 104 -19.10 -7.44 31.12
C ASP A 104 -17.67 -6.88 31.06
N VAL A 105 -17.47 -5.67 30.55
CA VAL A 105 -16.12 -5.09 30.53
C VAL A 105 -15.81 -4.54 31.91
N GLU A 106 -14.61 -4.81 32.44
CA GLU A 106 -14.26 -4.19 33.71
C GLU A 106 -13.63 -2.85 33.40
N ILE A 107 -14.12 -1.81 34.08
CA ILE A 107 -13.63 -0.45 33.95
C ILE A 107 -12.80 -0.16 35.18
N LYS A 108 -11.55 0.26 34.99
CA LYS A 108 -10.68 0.74 36.05
C LYS A 108 -10.25 2.16 35.71
N TYR A 109 -9.81 2.89 36.73
CA TYR A 109 -9.47 4.30 36.57
C TYR A 109 -8.04 4.56 37.01
N GLU A 110 -7.41 5.54 36.37
CA GLU A 110 -6.02 5.85 36.71
C GLU A 110 -5.62 7.17 36.08
N LYS A 111 -5.16 8.12 36.92
CA LYS A 111 -4.58 9.35 36.41
C LYS A 111 -3.56 9.09 35.32
N TRP A 112 -3.65 9.89 34.27
CA TRP A 112 -2.58 9.94 33.28
C TRP A 112 -1.33 10.53 33.92
N LYS A 113 -0.21 9.82 33.77
CA LYS A 113 1.10 10.26 34.23
C LYS A 113 2.08 10.54 33.08
N ASN A 114 1.57 10.76 31.87
CA ASN A 114 2.43 11.01 30.71
C ASN A 114 3.45 9.89 30.53
N ASP A 115 3.00 8.63 30.71
CA ASP A 115 3.82 7.44 30.56
C ASP A 115 2.88 6.34 30.05
N PHE A 116 2.90 6.10 28.73
CA PHE A 116 2.10 5.03 28.14
C PHE A 116 2.48 3.66 28.74
N SER A 117 3.77 3.43 29.06
CA SER A 117 4.16 2.15 29.66
C SER A 117 3.58 1.98 31.06
N TYR A 118 3.39 3.09 31.80
CA TYR A 118 2.80 2.99 33.13
C TYR A 118 1.33 2.58 33.04
N ALA A 119 0.57 3.21 32.14
CA ALA A 119 -0.83 2.85 31.96
C ALA A 119 -0.98 1.39 31.52
N ARG A 120 -0.15 0.92 30.57
CA ARG A 120 -0.29 -0.46 30.13
C ARG A 120 0.07 -1.44 31.24
N ASN A 121 1.15 -1.15 31.98
CA ASN A 121 1.58 -2.05 33.02
C ASN A 121 0.54 -2.13 34.12
N LYS A 122 -0.23 -1.05 34.31
CA LYS A 122 -1.33 -1.05 35.26
C LYS A 122 -2.37 -2.10 34.90
N ILE A 123 -2.78 -2.12 33.62
CA ILE A 123 -3.63 -3.22 33.16
C ILE A 123 -2.98 -4.59 33.45
N ILE A 124 -1.67 -4.73 33.23
CA ILE A 124 -1.08 -6.06 33.45
C ILE A 124 -1.28 -6.49 34.91
N GLU A 125 -1.21 -5.53 35.84
CA GLU A 125 -1.42 -5.82 37.25
C GLU A 125 -2.83 -6.29 37.51
N TYR A 126 -3.80 -5.67 36.83
CA TYR A 126 -5.20 -6.00 37.03
C TYR A 126 -5.64 -7.29 36.33
N ALA A 127 -4.87 -7.77 35.36
CA ALA A 127 -5.38 -8.85 34.54
C ALA A 127 -5.31 -10.18 35.28
N THR A 128 -6.28 -11.07 35.01
CA THR A 128 -6.35 -12.37 35.67
C THR A 128 -6.14 -13.54 34.71
N SER A 129 -5.93 -13.26 33.42
CA SER A 129 -5.78 -14.35 32.46
C SER A 129 -4.33 -14.77 32.45
N GLU A 130 -4.06 -15.80 31.65
CA GLU A 130 -2.70 -16.30 31.49
C GLU A 130 -1.87 -15.50 30.48
N TRP A 131 -2.54 -14.77 29.57
CA TRP A 131 -1.94 -14.02 28.47
C TRP A 131 -2.64 -12.69 28.35
N ILE A 132 -1.95 -11.69 27.82
CA ILE A 132 -2.61 -10.41 27.57
C ILE A 132 -2.47 -10.00 26.10
N TYR A 133 -3.44 -9.24 25.62
CA TYR A 133 -3.40 -8.73 24.27
C TYR A 133 -3.90 -7.30 24.36
N PHE A 134 -3.13 -6.34 23.84
CA PHE A 134 -3.51 -4.95 23.92
C PHE A 134 -4.06 -4.49 22.57
N ILE A 135 -5.13 -3.70 22.61
CA ILE A 135 -5.68 -3.04 21.43
C ILE A 135 -6.04 -1.62 21.84
N ASP A 136 -5.93 -0.68 20.90
CA ASP A 136 -6.24 0.73 21.14
C ASP A 136 -7.65 1.08 20.66
N ALA A 137 -8.19 2.15 21.24
CA ALA A 137 -9.56 2.54 20.89
C ALA A 137 -9.75 2.85 19.40
N ASP A 138 -8.70 3.29 18.69
CA ASP A 138 -8.85 3.52 17.26
C ASP A 138 -8.43 2.32 16.40
N ASN A 139 -8.39 1.12 16.98
CA ASN A 139 -8.19 -0.12 16.22
C ASN A 139 -9.52 -0.86 16.08
N LEU A 140 -9.59 -1.72 15.06
CA LEU A 140 -10.64 -2.72 14.92
C LEU A 140 -9.97 -4.08 14.81
N TYR A 141 -10.40 -5.01 15.65
CA TYR A 141 -9.96 -6.39 15.59
C TYR A 141 -10.69 -7.09 14.45
N SER A 142 -9.96 -7.65 13.48
CA SER A 142 -10.59 -8.24 12.31
C SER A 142 -11.52 -9.41 12.69
N LYS A 143 -12.75 -9.41 12.14
CA LYS A 143 -13.62 -10.60 12.32
C LYS A 143 -12.95 -11.86 11.85
N GLU A 144 -12.13 -11.79 10.81
CA GLU A 144 -11.44 -13.00 10.37
C GLU A 144 -10.53 -13.60 11.45
N ASN A 145 -10.30 -12.89 12.57
CA ASN A 145 -9.45 -13.45 13.63
C ASN A 145 -10.16 -14.48 14.51
N LYS A 146 -11.46 -14.70 14.31
CA LYS A 146 -12.31 -15.44 15.25
C LYS A 146 -11.66 -16.76 15.69
N GLY A 147 -11.51 -16.94 17.00
CA GLY A 147 -10.95 -18.17 17.55
C GLY A 147 -9.44 -18.31 17.48
N LYS A 148 -8.71 -17.43 16.81
CA LYS A 148 -7.31 -17.75 16.56
C LYS A 148 -6.38 -17.34 17.69
N ILE A 149 -6.68 -16.25 18.41
CA ILE A 149 -5.66 -15.73 19.31
C ILE A 149 -5.37 -16.75 20.43
N ALA A 150 -6.37 -17.55 20.85
CA ALA A 150 -6.16 -18.58 21.87
C ALA A 150 -5.34 -19.75 21.34
N LYS A 151 -5.51 -20.10 20.07
CA LYS A 151 -4.66 -21.11 19.45
C LYS A 151 -3.20 -20.67 19.41
N VAL A 152 -2.94 -19.40 19.05
CA VAL A 152 -1.59 -18.85 19.10
C VAL A 152 -0.99 -19.09 20.48
N ALA A 153 -1.69 -18.64 21.52
CA ALA A 153 -1.14 -18.76 22.86
C ALA A 153 -0.96 -20.24 23.25
N ARG A 154 -1.85 -21.12 22.79
CA ARG A 154 -1.74 -22.55 23.09
C ARG A 154 -0.44 -23.12 22.52
N VAL A 155 -0.13 -22.80 21.26
CA VAL A 155 1.05 -23.41 20.66
C VAL A 155 2.31 -22.86 21.28
N LEU A 156 2.28 -21.59 21.68
CA LEU A 156 3.47 -20.98 22.26
C LEU A 156 3.72 -21.53 23.66
N GLU A 157 2.67 -21.73 24.46
CA GLU A 157 2.84 -22.39 25.76
C GLU A 157 3.33 -23.82 25.60
N PHE A 158 2.81 -24.53 24.60
CA PHE A 158 3.21 -25.91 24.33
C PHE A 158 4.73 -26.02 24.21
N PHE A 159 5.33 -25.23 23.33
CA PHE A 159 6.76 -25.31 23.09
C PHE A 159 7.56 -24.44 24.04
N SER A 160 6.93 -23.85 25.05
CA SER A 160 7.64 -23.01 26.02
C SER A 160 8.43 -21.90 25.32
N ILE A 161 7.85 -21.34 24.26
CA ILE A 161 8.49 -20.25 23.51
C ILE A 161 8.32 -18.96 24.30
N ASP A 162 9.43 -18.35 24.69
CA ASP A 162 9.40 -17.05 25.32
C ASP A 162 9.51 -16.04 24.19
N CYS A 163 8.55 -15.13 24.09
CA CYS A 163 8.46 -14.19 22.97
C CYS A 163 7.44 -13.11 23.32
N VAL A 164 7.35 -12.11 22.44
CA VAL A 164 6.13 -11.34 22.30
C VAL A 164 5.49 -11.71 20.95
N VAL A 165 4.24 -11.28 20.78
CA VAL A 165 3.42 -11.70 19.65
C VAL A 165 2.91 -10.45 18.93
N SER A 166 3.04 -10.45 17.60
CA SER A 166 2.66 -9.31 16.76
C SER A 166 1.57 -9.73 15.80
N PRO A 167 0.34 -9.25 15.93
CA PRO A 167 -0.56 -9.25 14.79
C PRO A 167 -0.08 -8.23 13.76
N TYR A 168 -0.52 -8.43 12.53
CA TYR A 168 -0.34 -7.39 11.51
C TYR A 168 -1.27 -6.23 11.83
N ILE A 169 -0.73 -5.02 11.87
CA ILE A 169 -1.56 -3.85 12.03
C ILE A 169 -1.53 -3.05 10.72
N GLU A 170 -2.72 -2.79 10.19
CA GLU A 170 -2.87 -2.09 8.92
C GLU A 170 -3.29 -0.65 9.21
N GLU A 171 -2.43 0.31 8.86
CA GLU A 171 -2.84 1.70 8.84
C GLU A 171 -3.93 1.91 7.79
N TYR A 172 -4.63 3.04 7.91
CA TYR A 172 -5.56 3.44 6.85
C TYR A 172 -4.86 3.52 5.50
N THR A 173 -3.60 4.02 5.50
CA THR A 173 -2.81 4.10 4.27
C THR A 173 -2.68 2.76 3.57
N GLY A 174 -2.85 1.67 4.32
CA GLY A 174 -2.50 0.34 3.84
C GLY A 174 -1.14 -0.11 4.29
N HIS A 175 -0.32 0.80 4.81
CA HIS A 175 0.89 0.42 5.52
C HIS A 175 0.59 -0.69 6.51
N LEU A 176 1.34 -1.80 6.37
CA LEU A 176 1.19 -3.00 7.18
C LEU A 176 2.41 -3.10 8.09
N TYR A 177 2.19 -3.08 9.40
CA TYR A 177 3.24 -3.27 10.39
C TYR A 177 3.20 -4.70 10.90
N SER A 178 4.37 -5.30 11.14
CA SER A 178 4.47 -6.59 11.76
C SER A 178 5.34 -6.59 13.01
N ASP A 179 6.00 -5.48 13.38
CA ASP A 179 6.66 -5.35 14.68
C ASP A 179 5.68 -4.54 15.50
N THR A 180 4.76 -5.22 16.18
CA THR A 180 3.70 -4.52 16.87
C THR A 180 3.63 -4.94 18.33
N ARG A 181 3.98 -6.20 18.60
CA ARG A 181 4.28 -6.63 19.98
C ARG A 181 3.13 -6.32 20.94
N ARG A 182 1.92 -6.74 20.55
CA ARG A 182 0.72 -6.47 21.32
C ARG A 182 0.37 -7.55 22.34
N MET A 183 0.90 -8.76 22.22
CA MET A 183 0.43 -9.86 23.07
C MET A 183 1.59 -10.56 23.73
N PHE A 184 1.42 -11.00 24.99
CA PHE A 184 2.44 -11.84 25.62
C PHE A 184 1.86 -12.52 26.86
N ARG A 185 2.60 -13.53 27.31
CA ARG A 185 2.21 -14.32 28.47
C ARG A 185 2.41 -13.53 29.77
N LEU A 186 1.41 -13.62 30.64
CA LEU A 186 1.52 -12.97 31.96
C LEU A 186 2.24 -13.89 32.95
N ASN A 187 3.52 -14.15 32.69
CA ASN A 187 4.31 -15.01 33.59
C ASN A 187 5.50 -14.26 34.20
N GLY A 188 5.29 -13.02 34.60
CA GLY A 188 6.32 -12.21 35.21
C GLY A 188 7.64 -12.17 34.47
N LYS A 189 7.62 -12.02 33.15
CA LYS A 189 8.85 -11.91 32.37
C LYS A 189 8.94 -10.62 31.57
N VAL A 190 7.80 -10.05 31.22
CA VAL A 190 7.71 -9.01 30.20
C VAL A 190 6.91 -7.84 30.78
N LYS A 191 7.43 -6.66 30.59
CA LYS A 191 6.87 -5.39 31.06
C LYS A 191 7.01 -4.38 29.92
N PHE A 192 6.12 -3.39 29.87
CA PHE A 192 6.31 -2.30 28.93
C PHE A 192 7.35 -1.30 29.42
N HIS A 193 8.14 -0.76 28.49
CA HIS A 193 9.21 0.20 28.80
C HIS A 193 9.13 1.33 27.79
N GLY A 194 9.18 2.58 28.28
CA GLY A 194 9.12 3.75 27.43
C GLY A 194 7.94 4.65 27.71
N LYS A 195 8.17 5.97 27.79
CA LYS A 195 7.06 6.90 27.95
C LYS A 195 6.14 6.93 26.74
N VAL A 196 6.68 6.71 25.54
CA VAL A 196 5.96 6.79 24.28
C VAL A 196 6.67 5.82 23.36
N HIS A 197 6.03 5.43 22.26
CA HIS A 197 6.66 4.41 21.41
C HIS A 197 7.10 3.21 22.24
N GLU A 198 6.34 2.91 23.28
CA GLU A 198 6.68 1.90 24.27
C GLU A 198 6.64 0.50 23.66
N GLU A 199 7.36 -0.43 24.27
CA GLU A 199 7.22 -1.81 23.83
C GLU A 199 7.56 -2.75 24.98
N PRO A 200 7.14 -4.01 24.89
CA PRO A 200 7.32 -4.90 26.02
C PRO A 200 8.72 -5.51 25.97
N MET A 201 9.44 -5.37 27.08
CA MET A 201 10.82 -5.78 27.22
C MET A 201 10.90 -6.80 28.35
N ASN A 202 11.83 -7.74 28.22
CA ASN A 202 12.28 -8.48 29.38
C ASN A 202 12.77 -7.50 30.46
N TYR A 203 12.50 -7.80 31.74
CA TYR A 203 12.94 -6.83 32.74
C TYR A 203 14.44 -6.65 32.88
N ASN A 204 15.28 -7.51 32.31
CA ASN A 204 16.70 -7.12 32.16
C ASN A 204 16.91 -6.12 31.05
N HIS A 205 15.84 -5.77 30.35
CA HIS A 205 15.75 -4.72 29.36
C HIS A 205 16.25 -5.25 28.00
N SER A 206 16.45 -6.57 27.85
CA SER A 206 16.66 -7.17 26.53
C SER A 206 15.36 -7.23 25.72
N LEU A 207 15.49 -7.59 24.43
CA LEU A 207 14.43 -7.41 23.45
C LEU A 207 13.85 -8.76 23.08
N PRO A 208 12.63 -9.07 23.50
CA PRO A 208 12.09 -10.43 23.30
C PRO A 208 12.01 -10.77 21.83
N PHE A 209 12.13 -12.07 21.52
CA PHE A 209 11.83 -12.54 20.18
C PHE A 209 10.39 -12.14 19.83
N ASN A 210 10.16 -11.83 18.55
CA ASN A 210 8.86 -11.36 18.05
C ASN A 210 8.28 -12.39 17.11
N PHE A 211 7.23 -13.10 17.56
CA PHE A 211 6.43 -13.94 16.66
C PHE A 211 5.33 -13.14 15.99
N ILE A 212 5.40 -13.15 14.67
CA ILE A 212 4.41 -12.55 13.81
C ILE A 212 3.37 -13.62 13.53
N VAL A 213 2.10 -13.25 13.72
CA VAL A 213 1.03 -14.23 13.63
C VAL A 213 -0.02 -13.73 12.65
N ASN A 214 -0.81 -14.68 12.12
CA ASN A 214 -1.82 -14.37 11.11
C ASN A 214 -3.10 -13.84 11.77
N LEU A 215 -2.93 -12.78 12.55
CA LEU A 215 -4.02 -11.98 13.04
C LEU A 215 -3.93 -10.59 12.40
N LYS A 216 -5.07 -9.93 12.22
CA LYS A 216 -5.07 -8.63 11.59
C LYS A 216 -5.85 -7.63 12.44
N VAL A 217 -5.29 -6.45 12.57
CA VAL A 217 -5.89 -5.36 13.31
C VAL A 217 -5.88 -4.12 12.42
N TYR A 218 -7.05 -3.51 12.24
CA TYR A 218 -7.17 -2.30 11.44
C TYR A 218 -6.93 -1.10 12.34
N HIS A 219 -6.19 -0.12 11.81
CA HIS A 219 -5.85 1.09 12.56
C HIS A 219 -6.35 2.29 11.75
N ASN A 220 -7.37 2.94 12.28
CA ASN A 220 -8.03 4.09 11.71
C ASN A 220 -7.41 5.40 12.18
N GLY A 221 -6.49 5.36 13.16
CA GLY A 221 -6.16 6.53 13.98
C GLY A 221 -5.39 7.63 13.28
N TYR A 222 -4.95 7.43 12.02
CA TYR A 222 -4.36 8.50 11.22
C TYR A 222 -5.10 8.71 9.91
N ASN A 223 -6.34 8.19 9.82
CA ASN A 223 -7.27 8.47 8.72
C ASN A 223 -7.64 9.96 8.69
N PRO A 224 -7.68 10.61 7.51
CA PRO A 224 -8.22 11.98 7.42
C PRO A 224 -9.73 12.11 7.68
N SER A 225 -10.45 11.00 7.92
CA SER A 225 -11.80 11.11 8.47
C SER A 225 -11.79 12.03 9.69
N GLU A 226 -10.94 11.69 10.67
CA GLU A 226 -10.84 12.43 11.93
C GLU A 226 -9.70 13.46 11.94
N ASN A 227 -8.86 13.49 10.90
CA ASN A 227 -7.67 14.33 10.78
C ASN A 227 -7.01 14.70 12.10
N ASN A 228 -6.95 13.75 13.04
CA ASN A 228 -6.28 13.86 14.34
C ASN A 228 -4.75 13.89 14.22
N ILE A 229 -4.19 13.91 13.00
CA ILE A 229 -2.78 13.58 12.81
C ILE A 229 -1.90 14.51 13.64
N LYS A 230 -2.01 15.83 13.42
CA LYS A 230 -1.11 16.76 14.10
C LYS A 230 -1.36 16.78 15.59
N SER A 231 -2.60 16.51 15.99
CA SER A 231 -2.94 16.52 17.41
C SER A 231 -2.24 15.37 18.16
N LYS A 232 -2.44 14.14 17.69
CA LYS A 232 -1.74 13.01 18.31
C LYS A 232 -0.23 13.23 18.25
N THR A 233 0.26 13.86 17.17
CA THR A 233 1.70 14.05 17.04
C THR A 233 2.26 15.01 18.08
N ARG A 234 1.58 16.14 18.35
CA ARG A 234 2.17 17.05 19.33
C ARG A 234 2.21 16.39 20.69
N ARG A 235 1.17 15.61 21.02
CA ARG A 235 1.21 14.89 22.29
C ARG A 235 2.46 14.02 22.37
N ASN A 236 2.73 13.24 21.32
CA ASN A 236 3.83 12.26 21.40
C ASN A 236 5.19 12.93 21.41
N ILE A 237 5.33 14.09 20.75
CA ILE A 237 6.68 14.65 20.64
C ILE A 237 7.16 15.15 22.01
N ASN A 238 6.25 15.69 22.82
CA ASN A 238 6.62 16.06 24.17
C ASN A 238 7.15 14.85 24.93
N LEU A 239 6.56 13.68 24.70
CA LEU A 239 7.07 12.48 25.36
C LEU A 239 8.37 12.00 24.72
N THR A 240 8.43 12.00 23.39
CA THR A 240 9.68 11.60 22.74
C THR A 240 10.84 12.46 23.21
N GLU A 241 10.57 13.74 23.52
CA GLU A 241 11.65 14.63 23.96
C GLU A 241 12.21 14.20 25.30
N GLU A 242 11.34 13.73 26.21
CA GLU A 242 11.79 13.20 27.49
C GLU A 242 12.65 11.96 27.29
N MET A 243 12.22 11.06 26.40
CA MET A 243 13.00 9.85 26.13
C MET A 243 14.37 10.24 25.59
N LEU A 244 14.41 11.26 24.73
CA LEU A 244 15.68 11.65 24.13
C LEU A 244 16.62 12.24 25.18
N ARG A 245 16.10 13.07 26.10
CA ARG A 245 16.93 13.60 27.19
C ARG A 245 17.63 12.48 27.95
N LEU A 246 16.96 11.37 28.14
CA LEU A 246 17.59 10.30 28.92
C LEU A 246 18.58 9.51 28.10
N GLU A 247 18.50 9.53 26.78
CA GLU A 247 19.45 8.81 25.92
C GLU A 247 19.73 9.66 24.70
N PRO A 248 20.46 10.77 24.88
CA PRO A 248 20.57 11.78 23.80
C PRO A 248 21.35 11.30 22.58
N GLU A 249 22.00 10.14 22.67
CA GLU A 249 22.75 9.55 21.57
C GLU A 249 22.03 8.34 20.97
N ASN A 250 20.82 8.04 21.45
CA ASN A 250 20.13 6.84 20.99
C ASN A 250 19.54 7.11 19.62
N PRO A 251 19.96 6.38 18.59
CA PRO A 251 19.50 6.73 17.24
C PRO A 251 18.03 6.42 17.00
N LYS A 252 17.45 5.51 17.80
CA LYS A 252 16.03 5.23 17.67
C LYS A 252 15.19 6.42 18.11
N TRP A 253 15.54 7.00 19.26
CA TRP A 253 14.84 8.20 19.74
C TRP A 253 15.12 9.43 18.86
N LEU A 254 16.33 9.51 18.32
CA LEU A 254 16.64 10.60 17.41
C LEU A 254 15.75 10.51 16.19
N PHE A 255 15.58 9.28 15.68
CA PHE A 255 14.70 9.07 14.54
C PHE A 255 13.26 9.46 14.87
N PHE A 256 12.70 8.96 15.99
CA PHE A 256 11.29 9.28 16.29
C PHE A 256 11.07 10.77 16.47
N PHE A 257 12.04 11.46 17.07
CA PHE A 257 11.95 12.92 17.21
C PHE A 257 12.00 13.61 15.84
N GLY A 258 12.93 13.19 14.99
CA GLY A 258 12.97 13.71 13.65
C GLY A 258 11.68 13.47 12.91
N ARG A 259 11.16 12.24 13.01
CA ARG A 259 9.91 11.89 12.34
C ARG A 259 8.78 12.81 12.78
N GLU A 260 8.67 13.05 14.09
CA GLU A 260 7.57 13.87 14.60
C GLU A 260 7.78 15.37 14.30
N LEU A 261 9.02 15.85 14.32
CA LEU A 261 9.27 17.19 13.77
C LEU A 261 8.74 17.28 12.34
N HIS A 262 9.05 16.28 11.52
CA HIS A 262 8.59 16.30 10.13
C HIS A 262 7.06 16.29 10.05
N LEU A 263 6.40 15.43 10.84
CA LEU A 263 4.94 15.36 10.82
C LEU A 263 4.29 16.69 11.23
N LEU A 264 5.02 17.52 11.99
CA LEU A 264 4.57 18.84 12.42
C LEU A 264 5.07 19.95 11.50
N ASP A 265 5.24 19.65 10.20
CA ASP A 265 5.66 20.63 9.20
C ASP A 265 6.86 21.45 9.66
N LYS A 266 7.85 20.76 10.22
CA LYS A 266 9.11 21.36 10.68
C LYS A 266 10.29 20.64 10.05
N ASP A 267 10.24 20.47 8.72
CA ASP A 267 11.21 19.65 8.02
C ASP A 267 12.65 20.07 8.29
N GLU A 268 12.90 21.37 8.42
CA GLU A 268 14.26 21.89 8.66
C GLU A 268 14.82 21.16 9.82
N GLU A 269 13.98 21.17 10.82
CA GLU A 269 14.47 20.91 12.12
C GLU A 269 14.70 19.40 12.25
N ALA A 270 13.85 18.64 11.50
CA ALA A 270 13.90 17.18 11.40
C ALA A 270 15.24 16.67 10.81
N ILE A 271 15.73 17.32 9.75
CA ILE A 271 16.92 16.88 9.01
C ILE A 271 18.11 16.71 9.94
N ASP A 272 18.30 17.63 10.89
CA ASP A 272 19.47 17.50 11.76
C ASP A 272 19.36 16.30 12.68
N TYR A 273 18.17 16.02 13.19
CA TYR A 273 18.04 14.86 14.08
C TYR A 273 18.20 13.57 13.30
N LEU A 274 17.65 13.51 12.09
CA LEU A 274 17.76 12.29 11.27
C LEU A 274 19.19 12.02 10.86
N LYS A 275 19.94 13.07 10.46
CA LYS A 275 21.36 12.90 10.17
C LYS A 275 22.11 12.34 11.38
N LYS A 276 21.82 12.84 12.58
CA LYS A 276 22.53 12.31 13.74
C LYS A 276 22.08 10.89 14.04
N SER A 277 20.77 10.61 13.91
CA SER A 277 20.29 9.23 14.08
C SER A 277 21.02 8.29 13.14
N ILE A 278 21.06 8.63 11.85
CA ILE A 278 21.71 7.77 10.88
C ILE A 278 23.18 7.59 11.22
N ASN A 279 23.83 8.65 11.67
CA ASN A 279 25.25 8.56 12.07
C ASN A 279 25.41 7.58 13.24
N ASN A 280 24.51 7.65 14.22
CA ASN A 280 24.67 6.78 15.39
C ASN A 280 24.17 5.36 15.16
N TYR A 281 23.42 5.08 14.07
CA TYR A 281 22.92 3.73 13.86
C TYR A 281 23.98 2.74 13.42
N LYS A 282 25.11 3.21 12.89
CA LYS A 282 26.12 2.29 12.35
C LYS A 282 26.62 1.32 13.41
N LYS A 283 26.88 1.83 14.61
CA LYS A 283 27.44 1.04 15.70
C LYS A 283 26.40 0.76 16.79
N PHE A 284 25.13 0.70 16.42
CA PHE A 284 24.03 0.42 17.34
C PHE A 284 23.51 -0.98 17.07
N ASN A 285 23.08 -1.64 18.15
CA ASN A 285 22.68 -3.04 18.03
C ASN A 285 21.27 -3.18 17.47
N ASP A 286 20.35 -2.29 17.85
CA ASP A 286 18.94 -2.42 17.45
C ASP A 286 18.70 -1.51 16.25
N GLN A 287 18.90 -2.05 15.06
CA GLN A 287 18.80 -1.24 13.85
C GLN A 287 17.41 -1.27 13.23
N ARG A 288 16.37 -1.59 14.00
CA ARG A 288 15.05 -1.78 13.39
C ARG A 288 14.62 -0.59 12.56
N HIS A 289 14.76 0.63 13.10
CA HIS A 289 14.30 1.83 12.41
C HIS A 289 15.38 2.53 11.58
N PHE A 290 16.54 1.89 11.38
CA PHE A 290 17.58 2.49 10.57
C PHE A 290 17.10 2.73 9.15
N ILE A 291 16.35 1.78 8.59
CA ILE A 291 15.85 1.93 7.23
C ILE A 291 14.80 3.04 7.13
N ASP A 292 13.98 3.24 8.17
CA ASP A 292 12.99 4.31 8.16
C ASP A 292 13.63 5.68 8.29
N ALA A 293 14.66 5.79 9.13
CA ALA A 293 15.45 7.02 9.20
C ALA A 293 16.04 7.40 7.85
N LEU A 294 16.65 6.43 7.17
CA LEU A 294 17.26 6.71 5.86
C LEU A 294 16.19 7.12 4.83
N VAL A 295 15.10 6.37 4.75
CA VAL A 295 14.04 6.66 3.77
C VAL A 295 13.40 8.02 4.04
N LEU A 296 13.08 8.32 5.30
CA LEU A 296 12.51 9.65 5.59
C LEU A 296 13.49 10.76 5.23
N LEU A 297 14.77 10.62 5.59
CA LEU A 297 15.74 11.69 5.29
C LEU A 297 15.89 11.88 3.79
N CYS A 298 15.93 10.79 3.04
CA CYS A 298 16.00 10.92 1.61
C CYS A 298 14.75 11.61 1.05
N THR A 299 13.57 11.35 1.65
CA THR A 299 12.35 12.01 1.20
C THR A 299 12.45 13.51 1.41
N LEU A 300 12.92 13.92 2.58
CA LEU A 300 13.03 15.35 2.89
C LEU A 300 14.05 16.04 1.99
N LEU A 301 15.24 15.42 1.82
CA LEU A 301 16.28 16.02 0.97
C LEU A 301 15.80 16.12 -0.48
N LEU A 302 15.13 15.10 -0.98
CA LEU A 302 14.60 15.14 -2.32
C LEU A 302 13.62 16.31 -2.49
N GLN A 303 12.67 16.42 -1.56
CA GLN A 303 11.65 17.48 -1.64
C GLN A 303 12.27 18.87 -1.60
N ARG A 304 13.41 19.04 -0.91
CA ARG A 304 14.12 20.31 -0.85
C ARG A 304 15.16 20.47 -1.94
N ASN A 305 15.18 19.60 -2.95
CA ASN A 305 16.14 19.69 -4.06
C ASN A 305 17.59 19.74 -3.58
N ASN A 306 17.90 19.07 -2.47
CA ASN A 306 19.28 18.99 -1.99
C ASN A 306 19.85 17.67 -2.51
N TYR A 307 20.22 17.68 -3.80
CA TYR A 307 20.55 16.45 -4.50
C TYR A 307 21.91 15.90 -4.06
N VAL A 308 22.83 16.79 -3.71
CA VAL A 308 24.17 16.40 -3.33
C VAL A 308 24.14 15.60 -2.03
N ASP A 309 23.36 16.07 -1.04
CA ASP A 309 23.23 15.35 0.22
C ASP A 309 22.32 14.14 0.08
N LEU A 310 21.31 14.25 -0.79
CA LEU A 310 20.44 13.11 -1.08
C LEU A 310 21.26 11.98 -1.67
N THR A 311 22.19 12.31 -2.54
CA THR A 311 23.05 11.26 -3.08
C THR A 311 23.81 10.56 -1.96
N LEU A 312 24.27 11.30 -0.95
CA LEU A 312 25.08 10.65 0.08
C LEU A 312 24.28 9.58 0.83
N TYR A 313 23.06 9.92 1.18
CA TYR A 313 22.22 9.08 2.03
C TYR A 313 21.54 8.00 1.23
N LEU A 314 21.30 8.27 -0.04
CA LEU A 314 20.76 7.22 -0.89
C LEU A 314 21.79 6.13 -1.10
N ASP A 315 23.06 6.51 -1.29
CA ASP A 315 24.12 5.51 -1.37
C ASP A 315 24.19 4.67 -0.09
N ILE A 316 24.11 5.31 1.08
CA ILE A 316 24.10 4.55 2.32
C ILE A 316 22.87 3.63 2.36
N LEU A 317 21.70 4.16 1.98
CA LEU A 317 20.47 3.36 1.97
C LEU A 317 20.65 2.10 1.14
N GLU A 318 21.15 2.26 -0.09
CA GLU A 318 21.26 1.10 -0.96
C GLU A 318 22.33 0.13 -0.48
N THR A 319 23.39 0.63 0.15
CA THR A 319 24.42 -0.26 0.67
C THR A 319 23.88 -1.13 1.79
N GLU A 320 23.21 -0.50 2.77
CA GLU A 320 22.73 -1.22 3.95
C GLU A 320 21.51 -2.09 3.66
N TYR A 321 20.68 -1.67 2.71
CA TYR A 321 19.39 -2.29 2.47
C TYR A 321 19.19 -2.41 0.96
N PRO A 322 19.95 -3.29 0.30
CA PRO A 322 19.85 -3.42 -1.16
C PRO A 322 18.49 -3.84 -1.65
N ARG A 323 17.63 -4.40 -0.81
CA ARG A 323 16.26 -4.69 -1.21
C ARG A 323 15.28 -3.58 -0.89
N CYS A 324 15.70 -2.48 -0.28
CA CYS A 324 14.75 -1.41 0.02
C CYS A 324 13.91 -1.08 -1.22
N VAL A 325 12.58 -1.12 -1.06
CA VAL A 325 11.70 -0.86 -2.20
C VAL A 325 11.69 0.60 -2.64
N ASP A 326 12.23 1.51 -1.84
CA ASP A 326 12.22 2.95 -2.16
C ASP A 326 13.46 3.42 -2.90
N VAL A 327 14.52 2.60 -2.99
CA VAL A 327 15.78 3.07 -3.58
C VAL A 327 15.58 3.48 -5.05
N ASP A 328 14.88 2.66 -5.82
CA ASP A 328 14.70 2.91 -7.24
C ASP A 328 13.97 4.23 -7.46
N TYR A 329 12.96 4.53 -6.66
CA TYR A 329 12.28 5.82 -6.74
C TYR A 329 13.27 6.98 -6.60
N PHE A 330 14.04 6.99 -5.50
CA PHE A 330 15.00 8.09 -5.33
C PHE A 330 15.97 8.14 -6.51
N ARG A 331 16.45 6.98 -6.99
CA ARG A 331 17.41 6.99 -8.09
C ARG A 331 16.78 7.56 -9.35
N SER A 332 15.51 7.21 -9.59
CA SER A 332 14.83 7.74 -10.77
C SER A 332 14.60 9.24 -10.66
N ALA A 333 14.57 9.81 -9.46
CA ALA A 333 14.24 11.21 -9.32
C ALA A 333 15.42 12.13 -9.50
N ILE A 334 16.63 11.59 -9.64
CA ILE A 334 17.83 12.42 -9.81
C ILE A 334 18.68 11.98 -10.99
N LEU A 335 18.06 11.41 -12.01
CA LEU A 335 18.79 11.25 -13.27
C LEU A 335 17.84 11.01 -14.44
N LYS B 2 -1.94 -21.27 -27.81
CA LYS B 2 -2.13 -20.43 -26.62
C LYS B 2 -0.81 -19.95 -26.10
N LEU B 3 -0.73 -18.65 -25.81
CA LEU B 3 0.55 -18.01 -25.49
C LEU B 3 1.17 -18.54 -24.22
N SER B 4 0.33 -18.93 -23.24
CA SER B 4 0.87 -19.48 -22.00
C SER B 4 1.62 -20.78 -22.26
N ASP B 5 1.05 -21.62 -23.12
CA ASP B 5 1.68 -22.90 -23.46
C ASP B 5 2.98 -22.68 -24.19
N ILE B 6 3.09 -21.60 -24.97
CA ILE B 6 4.36 -21.27 -25.60
C ILE B 6 5.39 -20.85 -24.57
N TYR B 7 4.98 -20.02 -23.61
CA TYR B 7 5.91 -19.61 -22.55
C TYR B 7 6.35 -20.84 -21.74
N LEU B 8 5.42 -21.76 -21.46
CA LEU B 8 5.71 -22.93 -20.62
C LEU B 8 6.77 -23.84 -21.26
N GLU B 9 6.46 -24.44 -22.45
CA GLU B 9 7.51 -24.82 -23.43
C GLU B 9 8.77 -23.97 -23.47
N LEU B 10 8.69 -22.65 -23.51
CA LEU B 10 9.97 -21.96 -23.56
C LEU B 10 10.72 -22.09 -22.26
N LYS B 11 9.98 -22.33 -21.17
CA LYS B 11 10.62 -22.40 -19.86
C LYS B 11 11.41 -23.70 -19.71
N LYS B 12 10.93 -24.78 -20.33
CA LYS B 12 11.57 -26.10 -20.32
C LYS B 12 12.69 -26.12 -21.37
N GLY B 13 13.91 -25.87 -20.91
CA GLY B 13 15.05 -25.97 -21.81
C GLY B 13 15.44 -24.67 -22.49
N TYR B 14 14.54 -24.10 -23.30
CA TYR B 14 14.84 -22.90 -24.07
C TYR B 14 14.93 -21.65 -23.19
N ALA B 15 15.16 -21.85 -21.89
CA ALA B 15 15.18 -20.76 -20.93
C ALA B 15 16.29 -19.76 -21.16
N ASP B 16 17.12 -19.95 -22.19
CA ASP B 16 18.22 -19.04 -22.46
C ASP B 16 17.97 -18.16 -23.68
N SER B 17 16.87 -18.37 -24.40
CA SER B 17 16.66 -17.63 -25.63
C SER B 17 16.21 -16.21 -25.32
N LEU B 18 16.27 -15.37 -26.36
CA LEU B 18 15.84 -13.98 -26.21
C LEU B 18 14.33 -13.87 -26.26
N LEU B 19 13.66 -14.82 -26.92
CA LEU B 19 12.21 -14.84 -26.93
C LEU B 19 11.65 -15.05 -25.52
N TYR B 20 12.12 -16.10 -24.84
CA TYR B 20 11.62 -16.37 -23.49
C TYR B 20 11.93 -15.24 -22.53
N SER B 21 13.12 -14.64 -22.66
CA SER B 21 13.47 -13.51 -21.80
C SER B 21 12.50 -12.34 -22.00
N ASP B 22 12.24 -11.99 -23.24
CA ASP B 22 11.37 -10.85 -23.50
C ASP B 22 9.92 -11.19 -23.20
N LEU B 23 9.48 -12.39 -23.53
CA LEU B 23 8.09 -12.70 -23.27
C LEU B 23 7.82 -12.69 -21.77
N SER B 24 8.87 -12.80 -20.96
CA SER B 24 8.78 -12.69 -19.51
C SER B 24 8.45 -11.28 -19.02
N LEU B 25 8.59 -10.27 -19.87
CA LEU B 25 8.16 -8.94 -19.48
C LEU B 25 6.64 -8.79 -19.49
N LEU B 26 5.92 -9.68 -20.15
CA LEU B 26 4.46 -9.70 -20.15
C LEU B 26 3.93 -10.46 -18.93
N VAL B 27 3.13 -9.79 -18.10
CA VAL B 27 2.70 -10.39 -16.84
C VAL B 27 1.51 -11.31 -17.02
N ASN B 28 0.41 -10.78 -17.54
CA ASN B 28 -0.84 -11.55 -17.62
C ASN B 28 -0.95 -12.35 -18.91
N ILE B 29 0.11 -13.13 -19.21
CA ILE B 29 0.07 -14.07 -20.34
C ILE B 29 -1.10 -15.03 -20.22
N MET B 30 -1.39 -15.48 -19.00
CA MET B 30 -2.48 -16.44 -18.79
C MET B 30 -3.80 -15.89 -19.32
N GLU B 31 -4.01 -14.59 -19.15
CA GLU B 31 -5.28 -13.99 -19.56
C GLU B 31 -5.41 -13.89 -21.08
N TYR B 32 -4.32 -13.95 -21.83
CA TYR B 32 -4.41 -13.83 -23.28
C TYR B 32 -4.80 -15.17 -23.89
N GLU B 33 -6.06 -15.29 -24.29
CA GLU B 33 -6.62 -16.58 -24.68
C GLU B 33 -6.66 -16.79 -26.19
N LYS B 34 -6.18 -15.85 -27.00
CA LYS B 34 -6.33 -16.01 -28.45
C LYS B 34 -5.39 -17.09 -28.97
N ASP B 35 -5.88 -17.88 -29.92
CA ASP B 35 -5.06 -18.94 -30.50
C ASP B 35 -3.86 -18.33 -31.22
N ILE B 36 -2.69 -18.92 -31.00
CA ILE B 36 -1.48 -18.60 -31.76
C ILE B 36 -1.00 -19.88 -32.41
N ASP B 37 -0.83 -19.86 -33.74
CA ASP B 37 -0.44 -21.06 -34.46
C ASP B 37 1.09 -21.14 -34.58
N VAL B 38 1.63 -22.32 -34.26
CA VAL B 38 3.06 -22.53 -34.11
C VAL B 38 3.50 -23.67 -35.03
N MET B 39 4.67 -23.50 -35.64
CA MET B 39 5.25 -24.57 -36.44
C MET B 39 6.21 -25.42 -35.62
N SER B 40 6.93 -24.78 -34.69
CA SER B 40 7.76 -25.46 -33.70
C SER B 40 8.30 -24.39 -32.76
N ILE B 41 8.71 -24.81 -31.57
CA ILE B 41 9.20 -23.86 -30.57
C ILE B 41 10.56 -23.32 -30.98
N GLN B 42 11.37 -24.16 -31.63
CA GLN B 42 12.66 -23.70 -32.12
C GLN B 42 12.50 -22.71 -33.25
N SER B 43 11.46 -22.88 -34.08
CA SER B 43 11.21 -21.89 -35.12
C SER B 43 10.80 -20.55 -34.52
N LEU B 44 10.12 -20.58 -33.39
CA LEU B 44 9.83 -19.32 -32.69
C LEU B 44 11.10 -18.70 -32.15
N VAL B 45 12.00 -19.52 -31.59
CA VAL B 45 13.22 -18.98 -31.00
C VAL B 45 14.04 -18.26 -32.05
N ALA B 46 14.38 -18.96 -33.12
CA ALA B 46 15.27 -18.39 -34.14
C ALA B 46 14.58 -17.29 -34.94
N GLY B 47 13.29 -17.41 -35.19
CA GLY B 47 12.58 -16.35 -35.91
C GLY B 47 12.54 -15.04 -35.15
N TYR B 48 12.39 -15.13 -33.82
CA TYR B 48 12.41 -13.92 -32.98
C TYR B 48 13.80 -13.30 -32.94
N GLU B 49 14.85 -14.12 -33.03
CA GLU B 49 16.22 -13.59 -33.08
C GLU B 49 16.42 -12.69 -34.28
N LYS B 50 15.72 -12.95 -35.38
CA LYS B 50 15.91 -12.21 -36.62
C LYS B 50 14.96 -11.02 -36.77
N SER B 51 13.88 -10.98 -35.99
CA SER B 51 12.91 -9.89 -36.11
C SER B 51 13.54 -8.56 -35.72
N ASP B 52 13.03 -7.49 -36.32
CA ASP B 52 13.55 -6.17 -36.04
C ASP B 52 12.96 -5.63 -34.73
N THR B 53 13.64 -4.63 -34.17
CA THR B 53 13.24 -3.96 -32.94
C THR B 53 12.43 -2.72 -33.27
N PRO B 54 11.16 -2.64 -32.88
CA PRO B 54 10.34 -1.48 -33.27
C PRO B 54 10.83 -0.19 -32.64
N THR B 55 10.53 0.91 -33.29
CA THR B 55 10.79 2.24 -32.76
C THR B 55 9.60 2.74 -31.93
N ILE B 56 9.90 3.49 -30.87
CA ILE B 56 8.85 4.01 -30.00
C ILE B 56 9.07 5.50 -29.79
N THR B 57 7.96 6.27 -29.89
CA THR B 57 7.89 7.68 -29.50
C THR B 57 7.36 7.78 -28.07
N CYS B 58 7.91 8.71 -27.30
CA CYS B 58 7.38 9.05 -25.99
C CYS B 58 6.66 10.38 -26.13
N GLY B 59 5.38 10.41 -25.75
CA GLY B 59 4.55 11.59 -25.91
C GLY B 59 4.16 12.11 -24.53
N ILE B 60 4.31 13.43 -24.38
CA ILE B 60 4.02 14.12 -23.12
C ILE B 60 3.19 15.35 -23.45
N ILE B 61 1.96 15.39 -22.97
CA ILE B 61 1.17 16.62 -22.98
C ILE B 61 1.48 17.39 -21.72
N VAL B 62 1.68 18.71 -21.85
CA VAL B 62 2.08 19.53 -20.70
C VAL B 62 1.30 20.82 -20.68
N TYR B 63 1.12 21.35 -19.48
CA TYR B 63 0.64 22.70 -19.29
C TYR B 63 1.15 23.18 -17.94
N ASN B 64 1.99 24.22 -17.95
CA ASN B 64 2.56 24.82 -16.74
C ASN B 64 3.22 23.77 -15.84
N GLU B 65 4.28 23.18 -16.36
CA GLU B 65 4.96 22.10 -15.67
C GLU B 65 6.42 22.44 -15.43
N SER B 66 6.73 23.72 -15.17
CA SER B 66 8.14 24.06 -14.94
C SER B 66 8.69 23.36 -13.70
N LYS B 67 7.87 23.22 -12.64
CA LYS B 67 8.28 22.53 -11.41
C LYS B 67 8.77 21.11 -11.62
N ARG B 68 8.41 20.46 -12.71
CA ARG B 68 8.45 19.01 -12.80
C ARG B 68 9.07 18.52 -14.08
N ILE B 69 9.05 19.35 -15.13
CA ILE B 69 9.26 18.81 -16.47
C ILE B 69 10.65 18.20 -16.60
N LYS B 70 11.66 18.81 -15.93
CA LYS B 70 13.04 18.33 -16.06
C LYS B 70 13.25 16.95 -15.42
N LYS B 71 12.75 16.77 -14.20
CA LYS B 71 12.78 15.44 -13.59
C LYS B 71 12.11 14.44 -14.51
N CYS B 72 10.96 14.81 -15.07
CA CYS B 72 10.25 13.90 -15.95
C CYS B 72 11.10 13.53 -17.16
N LEU B 73 11.60 14.55 -17.90
CA LEU B 73 12.36 14.27 -19.12
C LEU B 73 13.66 13.54 -18.83
N ASN B 74 14.30 13.85 -17.71
CA ASN B 74 15.52 13.11 -17.34
C ASN B 74 15.26 11.62 -17.25
N SER B 75 14.05 11.21 -16.85
CA SER B 75 13.81 9.78 -16.60
C SER B 75 13.52 9.01 -17.87
N VAL B 76 13.22 9.70 -18.98
CA VAL B 76 12.94 9.07 -20.27
C VAL B 76 13.93 9.48 -21.37
N LYS B 77 14.79 10.47 -21.13
CA LYS B 77 15.63 11.05 -22.21
C LYS B 77 16.53 10.02 -22.90
N ASP B 78 16.80 8.88 -22.27
CA ASP B 78 17.70 7.90 -22.87
C ASP B 78 17.02 6.57 -23.12
N ASP B 79 15.79 6.53 -23.67
CA ASP B 79 15.25 5.24 -24.06
C ASP B 79 14.33 5.29 -25.28
N PHE B 80 14.06 6.44 -25.88
CA PHE B 80 13.09 6.52 -26.95
C PHE B 80 13.72 7.07 -28.23
N ASN B 81 13.27 6.55 -29.37
CA ASN B 81 13.67 7.07 -30.67
C ASN B 81 13.28 8.53 -30.84
N GLU B 82 12.26 9.00 -30.12
CA GLU B 82 11.72 10.32 -30.31
C GLU B 82 10.93 10.67 -29.06
N ILE B 83 10.91 11.95 -28.72
CA ILE B 83 10.11 12.46 -27.62
C ILE B 83 9.37 13.69 -28.11
N ILE B 84 8.05 13.71 -27.96
CA ILE B 84 7.21 14.84 -28.39
C ILE B 84 6.51 15.41 -27.17
N VAL B 85 6.74 16.69 -26.90
CA VAL B 85 6.02 17.42 -25.87
C VAL B 85 5.02 18.35 -26.54
N LEU B 86 3.72 18.17 -26.24
CA LEU B 86 2.66 19.06 -26.76
C LEU B 86 2.28 20.05 -25.66
N ASP B 87 2.70 21.30 -25.84
CA ASP B 87 2.46 22.33 -24.85
C ASP B 87 1.14 23.01 -25.18
N SER B 88 0.25 23.14 -24.19
CA SER B 88 -1.00 23.88 -24.41
C SER B 88 -0.80 25.33 -24.00
N TYR B 89 0.22 25.94 -24.64
CA TYR B 89 0.54 27.36 -24.52
C TYR B 89 0.75 27.74 -23.07
N SER B 90 1.60 26.97 -22.38
CA SER B 90 1.99 27.28 -21.03
C SER B 90 2.35 28.76 -20.90
N THR B 91 2.04 29.32 -19.72
CA THR B 91 2.38 30.69 -19.41
C THR B 91 3.58 30.79 -18.48
N ASP B 92 4.08 29.66 -17.98
CA ASP B 92 5.32 29.62 -17.22
C ASP B 92 6.50 29.34 -18.16
N ASP B 93 7.67 28.96 -17.61
CA ASP B 93 8.86 28.75 -18.43
C ASP B 93 9.04 27.30 -18.86
N THR B 94 7.93 26.54 -18.97
CA THR B 94 8.02 25.11 -19.27
C THR B 94 8.82 24.85 -20.54
N VAL B 95 8.49 25.58 -21.62
CA VAL B 95 9.12 25.33 -22.93
C VAL B 95 10.61 25.73 -22.92
N ASP B 96 10.96 26.78 -22.18
CA ASP B 96 12.37 27.16 -22.06
C ASP B 96 13.19 26.07 -21.40
N ILE B 97 12.67 25.48 -20.32
CA ILE B 97 13.43 24.44 -19.64
C ILE B 97 13.76 23.32 -20.60
N ILE B 98 12.81 23.00 -21.49
CA ILE B 98 12.98 21.89 -22.43
C ILE B 98 14.03 22.26 -23.48
N LYS B 99 13.85 23.40 -24.14
CA LYS B 99 14.77 23.80 -25.19
C LYS B 99 16.18 23.92 -24.64
N CYS B 100 16.30 24.38 -23.40
CA CYS B 100 17.62 24.53 -22.78
C CYS B 100 18.27 23.19 -22.50
N ASP B 101 17.60 22.34 -21.72
CA ASP B 101 18.25 21.15 -21.18
C ASP B 101 18.02 19.89 -22.00
N PHE B 102 17.06 19.90 -22.95
CA PHE B 102 16.71 18.70 -23.74
C PHE B 102 16.51 19.10 -25.19
N PRO B 103 17.60 19.45 -25.90
CA PRO B 103 17.46 20.03 -27.25
C PRO B 103 16.91 19.07 -28.29
N ASP B 104 17.01 17.75 -28.07
CA ASP B 104 16.47 16.78 -29.02
C ASP B 104 14.98 16.48 -28.83
N VAL B 105 14.32 17.02 -27.81
CA VAL B 105 12.88 16.86 -27.64
C VAL B 105 12.15 17.76 -28.62
N GLU B 106 11.16 17.21 -29.31
CA GLU B 106 10.40 17.98 -30.27
C GLU B 106 9.19 18.62 -29.58
N ILE B 107 9.14 19.96 -29.59
CA ILE B 107 8.05 20.70 -28.98
C ILE B 107 7.03 21.10 -30.05
N LYS B 108 5.78 20.77 -29.81
CA LYS B 108 4.65 21.15 -30.63
C LYS B 108 3.72 21.97 -29.74
N TYR B 109 2.87 22.79 -30.35
CA TYR B 109 1.93 23.61 -29.61
C TYR B 109 0.51 23.30 -30.05
N GLU B 110 -0.45 23.44 -29.12
CA GLU B 110 -1.85 23.20 -29.44
C GLU B 110 -2.72 23.76 -28.35
N LYS B 111 -3.74 24.52 -28.71
CA LYS B 111 -4.45 25.20 -27.64
C LYS B 111 -5.30 24.15 -26.93
N TRP B 112 -5.46 24.31 -25.62
CA TRP B 112 -6.28 23.37 -24.88
C TRP B 112 -7.73 23.47 -25.36
N LYS B 113 -8.26 22.36 -25.83
CA LYS B 113 -9.70 22.17 -25.89
C LYS B 113 -10.01 21.30 -24.69
N ASN B 114 -11.18 21.47 -24.11
CA ASN B 114 -11.37 20.84 -22.81
C ASN B 114 -11.47 19.32 -22.99
N ASP B 115 -10.40 18.71 -23.50
CA ASP B 115 -10.49 17.36 -24.04
C ASP B 115 -9.09 16.74 -24.00
N PHE B 116 -8.87 15.83 -23.02
CA PHE B 116 -7.56 15.17 -22.92
C PHE B 116 -7.30 14.31 -24.12
N SER B 117 -8.31 13.60 -24.62
CA SER B 117 -8.10 12.72 -25.76
C SER B 117 -7.66 13.50 -27.00
N TYR B 118 -8.25 14.67 -27.21
CA TYR B 118 -7.88 15.46 -28.39
C TYR B 118 -6.40 15.80 -28.36
N ALA B 119 -5.92 16.27 -27.21
CA ALA B 119 -4.49 16.58 -27.10
C ALA B 119 -3.62 15.34 -27.30
N ARG B 120 -3.99 14.21 -26.69
CA ARG B 120 -3.16 13.01 -26.84
C ARG B 120 -3.15 12.53 -28.28
N ASN B 121 -4.34 12.47 -28.90
CA ASN B 121 -4.47 12.06 -30.30
C ASN B 121 -3.72 13.00 -31.23
N LYS B 122 -3.53 14.25 -30.84
CA LYS B 122 -2.73 15.14 -31.66
C LYS B 122 -1.27 14.69 -31.65
N ILE B 123 -0.77 14.18 -30.49
CA ILE B 123 0.60 13.66 -30.48
C ILE B 123 0.68 12.43 -31.37
N ILE B 124 -0.35 11.59 -31.37
CA ILE B 124 -0.36 10.42 -32.25
C ILE B 124 -0.20 10.87 -33.72
N GLU B 125 -0.77 12.03 -34.08
CA GLU B 125 -0.61 12.56 -35.44
C GLU B 125 0.84 12.92 -35.76
N TYR B 126 1.57 13.51 -34.81
CA TYR B 126 2.92 13.98 -35.07
C TYR B 126 3.97 12.89 -34.95
N ALA B 127 3.64 11.78 -34.31
CA ALA B 127 4.63 10.76 -33.97
C ALA B 127 5.11 10.03 -35.22
N THR B 128 6.40 9.75 -35.26
CA THR B 128 7.00 9.09 -36.41
C THR B 128 7.45 7.67 -36.13
N SER B 129 7.28 7.18 -34.90
CA SER B 129 7.76 5.84 -34.61
C SER B 129 6.64 4.86 -34.88
N GLU B 130 6.97 3.58 -34.71
CA GLU B 130 6.00 2.51 -34.89
C GLU B 130 5.09 2.33 -33.67
N TRP B 131 5.54 2.74 -32.49
CA TRP B 131 4.74 2.66 -31.26
C TRP B 131 4.84 3.99 -30.54
N ILE B 132 3.89 4.20 -29.65
CA ILE B 132 3.84 5.40 -28.82
C ILE B 132 3.69 4.95 -27.37
N TYR B 133 4.27 5.73 -26.46
CA TYR B 133 4.16 5.52 -25.03
C TYR B 133 3.97 6.90 -24.42
N PHE B 134 2.91 7.05 -23.63
CA PHE B 134 2.60 8.34 -23.02
C PHE B 134 3.03 8.35 -21.57
N ILE B 135 3.57 9.49 -21.14
CA ILE B 135 3.94 9.70 -19.75
C ILE B 135 3.56 11.14 -19.46
N ASP B 136 3.12 11.40 -18.24
CA ASP B 136 2.75 12.75 -17.84
C ASP B 136 3.87 13.39 -17.08
N ALA B 137 3.73 14.70 -16.91
CA ALA B 137 4.79 15.51 -16.36
C ALA B 137 5.07 15.14 -14.92
N ASP B 138 4.04 14.72 -14.17
CA ASP B 138 4.21 14.35 -12.77
C ASP B 138 4.53 12.87 -12.59
N ASN B 139 4.91 12.17 -13.65
CA ASN B 139 5.40 10.81 -13.57
C ASN B 139 6.92 10.76 -13.58
N LEU B 140 7.47 9.65 -13.08
CA LEU B 140 8.89 9.32 -13.24
C LEU B 140 8.99 7.92 -13.82
N TYR B 141 9.67 7.82 -14.94
CA TYR B 141 9.94 6.51 -15.54
C TYR B 141 11.05 5.81 -14.74
N SER B 142 10.84 4.58 -14.26
CA SER B 142 11.80 3.92 -13.37
C SER B 142 13.16 3.67 -14.06
N LYS B 143 14.31 3.95 -13.37
CA LYS B 143 15.61 3.50 -13.89
C LYS B 143 15.58 2.02 -14.26
N GLU B 144 14.90 1.20 -13.48
CA GLU B 144 14.91 -0.24 -13.72
C GLU B 144 14.29 -0.66 -15.07
N ASN B 145 13.63 0.26 -15.80
CA ASN B 145 12.98 0.00 -17.09
C ASN B 145 13.94 0.03 -18.28
N LYS B 146 15.16 0.48 -18.08
CA LYS B 146 16.10 0.72 -19.18
C LYS B 146 16.15 -0.46 -20.14
N GLY B 147 15.96 -0.17 -21.43
CA GLY B 147 16.03 -1.15 -22.50
C GLY B 147 14.79 -2.01 -22.69
N LYS B 148 13.86 -2.05 -21.72
CA LYS B 148 12.80 -3.03 -21.78
C LYS B 148 11.64 -2.65 -22.70
N ILE B 149 11.38 -1.36 -22.91
CA ILE B 149 10.11 -1.00 -23.56
C ILE B 149 10.16 -1.35 -25.04
N ALA B 150 11.35 -1.41 -25.63
CA ALA B 150 11.43 -1.90 -27.00
C ALA B 150 11.31 -3.42 -27.06
N LYS B 151 11.69 -4.13 -26.00
CA LYS B 151 11.52 -5.58 -26.03
C LYS B 151 10.06 -5.93 -25.94
N VAL B 152 9.31 -5.20 -25.12
CA VAL B 152 7.85 -5.38 -25.06
C VAL B 152 7.27 -5.27 -26.46
N ALA B 153 7.57 -4.17 -27.15
CA ALA B 153 7.08 -3.96 -28.51
C ALA B 153 7.49 -5.09 -29.44
N ARG B 154 8.73 -5.58 -29.29
CA ARG B 154 9.24 -6.63 -30.16
C ARG B 154 8.43 -7.92 -30.03
N VAL B 155 8.20 -8.41 -28.81
CA VAL B 155 7.38 -9.62 -28.63
C VAL B 155 5.96 -9.41 -29.10
N LEU B 156 5.41 -8.21 -28.92
CA LEU B 156 4.02 -8.05 -29.31
C LEU B 156 3.89 -8.01 -30.82
N GLU B 157 4.82 -7.37 -31.53
CA GLU B 157 4.76 -7.45 -32.99
C GLU B 157 4.96 -8.89 -33.46
N PHE B 158 5.99 -9.55 -32.93
CA PHE B 158 6.28 -10.92 -33.32
C PHE B 158 5.04 -11.78 -33.37
N PHE B 159 4.33 -11.86 -32.24
CA PHE B 159 3.15 -12.71 -32.13
C PHE B 159 1.89 -12.02 -32.66
N SER B 160 2.06 -10.86 -33.29
CA SER B 160 0.99 -10.05 -33.87
C SER B 160 -0.20 -9.93 -32.92
N ILE B 161 0.08 -9.42 -31.72
CA ILE B 161 -0.93 -9.27 -30.69
C ILE B 161 -1.53 -7.87 -30.75
N ASP B 162 -2.84 -7.78 -30.87
CA ASP B 162 -3.55 -6.51 -30.78
C ASP B 162 -3.90 -6.24 -29.32
N CYS B 163 -3.44 -5.10 -28.80
CA CYS B 163 -3.56 -4.82 -27.37
C CYS B 163 -3.19 -3.37 -27.13
N VAL B 164 -3.41 -2.92 -25.91
CA VAL B 164 -2.64 -1.80 -25.38
C VAL B 164 -1.78 -2.32 -24.24
N VAL B 165 -0.83 -1.50 -23.80
CA VAL B 165 0.20 -1.94 -22.87
C VAL B 165 0.11 -1.06 -21.63
N SER B 166 0.13 -1.70 -20.46
CA SER B 166 0.02 -1.01 -19.17
C SER B 166 1.28 -1.24 -18.38
N PRO B 167 2.17 -0.27 -18.21
CA PRO B 167 3.13 -0.37 -17.11
C PRO B 167 2.36 -0.29 -15.81
N TYR B 168 2.97 -0.83 -14.77
CA TYR B 168 2.50 -0.59 -13.42
C TYR B 168 2.70 0.88 -13.10
N ILE B 169 1.69 1.54 -12.54
CA ILE B 169 1.88 2.93 -12.09
C ILE B 169 1.69 2.97 -10.59
N GLU B 170 2.71 3.47 -9.89
CA GLU B 170 2.70 3.47 -8.43
C GLU B 170 2.40 4.86 -7.93
N GLU B 171 1.19 5.04 -7.43
CA GLU B 171 0.81 6.25 -6.72
C GLU B 171 1.77 6.47 -5.57
N TYR B 172 1.84 7.71 -5.09
CA TYR B 172 2.81 7.97 -4.04
C TYR B 172 2.36 7.28 -2.76
N THR B 173 1.03 7.12 -2.59
CA THR B 173 0.43 6.37 -1.50
C THR B 173 0.58 4.88 -1.65
N GLY B 174 1.24 4.41 -2.71
CA GLY B 174 1.55 3.00 -2.86
C GLY B 174 0.54 2.21 -3.65
N HIS B 175 -0.68 2.72 -3.80
CA HIS B 175 -1.66 2.06 -4.68
C HIS B 175 -1.06 1.78 -6.05
N LEU B 176 -0.86 0.51 -6.41
CA LEU B 176 -0.42 0.11 -7.74
C LEU B 176 -1.59 0.01 -8.70
N TYR B 177 -1.50 0.72 -9.81
CA TYR B 177 -2.44 0.61 -10.93
C TYR B 177 -1.82 -0.26 -12.00
N SER B 178 -2.60 -1.18 -12.53
CA SER B 178 -2.12 -1.98 -13.63
C SER B 178 -3.02 -1.89 -14.85
N ASP B 179 -4.16 -1.18 -14.78
CA ASP B 179 -4.94 -0.84 -15.99
C ASP B 179 -4.62 0.61 -16.32
N THR B 180 -3.57 0.82 -17.10
CA THR B 180 -3.08 2.16 -17.32
C THR B 180 -2.99 2.54 -18.79
N ARG B 181 -2.77 1.57 -19.69
CA ARG B 181 -3.01 1.74 -21.13
C ARG B 181 -2.26 2.96 -21.70
N ARG B 182 -0.94 2.97 -21.50
CA ARG B 182 -0.06 4.10 -21.88
C ARG B 182 0.64 3.88 -23.21
N MET B 183 0.71 2.65 -23.71
CA MET B 183 1.53 2.26 -24.85
C MET B 183 0.71 1.40 -25.80
N PHE B 184 0.88 1.65 -27.09
CA PHE B 184 0.22 0.86 -28.12
C PHE B 184 0.85 1.14 -29.48
N ARG B 185 0.59 0.23 -30.42
CA ARG B 185 1.16 0.30 -31.75
C ARG B 185 0.50 1.39 -32.57
N LEU B 186 1.32 2.18 -33.27
CA LEU B 186 0.82 3.26 -34.11
C LEU B 186 0.48 2.72 -35.52
N ASN B 187 -0.54 1.86 -35.56
CA ASN B 187 -0.97 1.28 -36.83
C ASN B 187 -2.41 1.66 -37.20
N GLY B 188 -2.84 2.85 -36.83
CA GLY B 188 -4.17 3.30 -37.17
C GLY B 188 -5.31 2.65 -36.42
N LYS B 189 -5.03 1.65 -35.60
CA LYS B 189 -6.12 0.89 -35.01
C LYS B 189 -6.70 1.55 -33.75
N VAL B 190 -5.91 2.21 -32.91
CA VAL B 190 -6.49 2.76 -31.69
C VAL B 190 -6.15 4.23 -31.50
N LYS B 191 -6.94 4.85 -30.65
CA LYS B 191 -7.04 6.28 -30.53
C LYS B 191 -7.65 6.51 -29.16
N PHE B 192 -7.24 7.59 -28.49
CA PHE B 192 -7.87 7.92 -27.22
C PHE B 192 -9.29 8.42 -27.43
N HIS B 193 -10.19 7.98 -26.53
CA HIS B 193 -11.58 8.39 -26.45
C HIS B 193 -11.87 8.94 -25.05
N GLY B 194 -12.54 10.08 -24.99
CA GLY B 194 -13.00 10.65 -23.73
C GLY B 194 -12.39 12.01 -23.43
N LYS B 195 -13.17 12.92 -22.83
CA LYS B 195 -12.62 14.23 -22.45
C LYS B 195 -11.72 14.15 -21.24
N VAL B 196 -11.98 13.18 -20.36
CA VAL B 196 -11.18 12.96 -19.16
C VAL B 196 -11.33 11.47 -18.84
N HIS B 197 -10.45 10.95 -17.98
CA HIS B 197 -10.41 9.50 -17.75
C HIS B 197 -10.34 8.77 -19.09
N GLU B 198 -9.61 9.38 -20.03
CA GLU B 198 -9.48 8.92 -21.39
C GLU B 198 -8.73 7.60 -21.47
N GLU B 199 -9.02 6.84 -22.51
CA GLU B 199 -8.29 5.60 -22.71
C GLU B 199 -8.27 5.29 -24.20
N PRO B 200 -7.27 4.54 -24.66
CA PRO B 200 -7.17 4.24 -26.10
C PRO B 200 -8.11 3.10 -26.47
N MET B 201 -8.91 3.31 -27.52
CA MET B 201 -9.99 2.39 -27.88
C MET B 201 -9.79 1.98 -29.32
N ASN B 202 -10.26 0.78 -29.67
CA ASN B 202 -10.35 0.46 -31.08
C ASN B 202 -11.32 1.43 -31.75
N TYR B 203 -11.11 1.68 -33.04
CA TYR B 203 -11.94 2.70 -33.70
C TYR B 203 -13.42 2.32 -33.66
N ASN B 204 -13.75 1.02 -33.68
CA ASN B 204 -15.12 0.55 -33.49
C ASN B 204 -15.57 0.63 -32.02
N HIS B 205 -14.81 1.32 -31.17
CA HIS B 205 -15.11 1.59 -29.78
C HIS B 205 -15.02 0.35 -28.89
N SER B 206 -14.57 -0.78 -29.41
CA SER B 206 -14.38 -1.89 -28.51
C SER B 206 -13.13 -1.67 -27.64
N LEU B 207 -13.09 -2.43 -26.53
CA LEU B 207 -12.08 -2.31 -25.50
C LEU B 207 -10.91 -3.22 -25.82
N PRO B 208 -9.72 -2.70 -26.09
CA PRO B 208 -8.58 -3.57 -26.41
C PRO B 208 -8.16 -4.40 -25.23
N PHE B 209 -7.58 -5.57 -25.52
CA PHE B 209 -6.91 -6.35 -24.49
C PHE B 209 -5.74 -5.55 -23.89
N ASN B 210 -5.61 -5.58 -22.58
CA ASN B 210 -4.57 -4.85 -21.87
C ASN B 210 -3.47 -5.80 -21.39
N PHE B 211 -2.31 -5.79 -22.04
CA PHE B 211 -1.12 -6.45 -21.50
C PHE B 211 -0.43 -5.60 -20.44
N ILE B 212 -0.41 -6.16 -19.23
CA ILE B 212 0.38 -5.65 -18.12
C ILE B 212 1.83 -6.09 -18.31
N VAL B 213 2.79 -5.19 -18.08
CA VAL B 213 4.19 -5.45 -18.41
C VAL B 213 5.03 -4.99 -17.24
N ASN B 214 6.20 -5.62 -17.07
CA ASN B 214 7.06 -5.36 -15.91
C ASN B 214 7.88 -4.09 -16.09
N LEU B 215 7.17 -2.98 -16.27
CA LEU B 215 7.75 -1.65 -16.24
C LEU B 215 7.10 -0.91 -15.09
N LYS B 216 7.81 0.03 -14.51
CA LYS B 216 7.23 0.83 -13.45
C LYS B 216 7.34 2.30 -13.75
N VAL B 217 6.29 3.00 -13.37
CA VAL B 217 6.22 4.45 -13.47
C VAL B 217 5.72 4.96 -12.14
N TYR B 218 6.40 5.96 -11.58
CA TYR B 218 5.97 6.55 -10.32
C TYR B 218 5.11 7.77 -10.62
N HIS B 219 3.98 7.86 -9.93
CA HIS B 219 3.08 9.00 -10.06
C HIS B 219 3.13 9.77 -8.75
N ASN B 220 3.74 10.93 -8.78
CA ASN B 220 3.79 11.84 -7.65
C ASN B 220 2.60 12.78 -7.64
N GLY B 221 1.68 12.61 -8.59
CA GLY B 221 0.75 13.69 -8.92
C GLY B 221 -0.22 14.07 -7.82
N TYR B 222 -0.52 13.14 -6.91
CA TYR B 222 -1.43 13.41 -5.80
C TYR B 222 -0.72 13.38 -4.44
N ASN B 223 0.55 13.83 -4.40
CA ASN B 223 1.39 13.90 -3.20
C ASN B 223 1.49 15.31 -2.61
N PRO B 224 2.54 16.15 -3.02
CA PRO B 224 3.27 17.00 -2.05
C PRO B 224 2.45 17.60 -0.92
N SER B 225 2.26 18.93 -0.97
CA SER B 225 1.52 19.65 0.06
C SER B 225 0.05 19.77 -0.33
N GLU B 226 -0.59 20.89 0.00
CA GLU B 226 -1.96 21.18 -0.45
C GLU B 226 -2.04 21.47 -1.94
N ASN B 227 -0.91 21.44 -2.63
CA ASN B 227 -0.85 21.62 -4.07
C ASN B 227 -1.51 20.46 -4.79
N ASN B 228 -2.14 20.78 -5.92
CA ASN B 228 -2.56 19.82 -6.93
C ASN B 228 -3.80 18.99 -6.56
N ILE B 229 -3.93 18.55 -5.30
CA ILE B 229 -5.05 17.70 -4.88
C ILE B 229 -6.42 18.21 -5.34
N LYS B 230 -6.95 19.21 -4.64
CA LYS B 230 -8.26 19.77 -4.98
C LYS B 230 -8.26 20.32 -6.38
N SER B 231 -7.14 20.92 -6.81
CA SER B 231 -7.15 21.62 -8.07
C SER B 231 -7.23 20.64 -9.24
N LYS B 232 -6.49 19.54 -9.18
CA LYS B 232 -6.60 18.56 -10.26
C LYS B 232 -8.02 18.03 -10.34
N THR B 233 -8.69 17.91 -9.21
CA THR B 233 -10.01 17.31 -9.18
C THR B 233 -11.08 18.29 -9.63
N ARG B 234 -10.96 19.56 -9.27
CA ARG B 234 -11.86 20.57 -9.85
C ARG B 234 -11.73 20.60 -11.37
N ARG B 235 -10.51 20.55 -11.88
CA ARG B 235 -10.32 20.47 -13.33
C ARG B 235 -11.02 19.24 -13.91
N ASN B 236 -10.75 18.06 -13.32
CA ASN B 236 -11.28 16.80 -13.85
C ASN B 236 -12.81 16.70 -13.72
N ILE B 237 -13.37 17.08 -12.57
CA ILE B 237 -14.82 16.92 -12.40
C ILE B 237 -15.59 17.81 -13.37
N ASN B 238 -15.01 18.94 -13.74
CA ASN B 238 -15.65 19.79 -14.75
C ASN B 238 -15.80 19.04 -16.06
N LEU B 239 -14.78 18.26 -16.44
CA LEU B 239 -14.88 17.47 -17.68
C LEU B 239 -15.77 16.25 -17.52
N THR B 240 -15.71 15.61 -16.34
CA THR B 240 -16.55 14.44 -16.08
C THR B 240 -18.03 14.78 -16.22
N GLU B 241 -18.43 15.93 -15.68
CA GLU B 241 -19.80 16.41 -15.81
C GLU B 241 -20.28 16.36 -17.25
N GLU B 242 -19.39 16.70 -18.18
CA GLU B 242 -19.75 16.74 -19.61
C GLU B 242 -19.87 15.33 -20.19
N MET B 243 -18.94 14.42 -19.83
CA MET B 243 -19.11 13.04 -20.27
C MET B 243 -20.42 12.48 -19.76
N LEU B 244 -20.77 12.84 -18.53
CA LEU B 244 -21.93 12.27 -17.89
C LEU B 244 -23.20 12.80 -18.55
N ARG B 245 -23.26 14.11 -18.81
CA ARG B 245 -24.39 14.66 -19.56
C ARG B 245 -24.60 13.94 -20.90
N LEU B 246 -23.53 13.52 -21.58
CA LEU B 246 -23.72 12.82 -22.85
C LEU B 246 -24.21 11.40 -22.65
N GLU B 247 -23.81 10.76 -21.55
CA GLU B 247 -24.25 9.39 -21.26
C GLU B 247 -24.66 9.36 -19.80
N PRO B 248 -25.85 9.88 -19.48
CA PRO B 248 -26.22 10.07 -18.08
C PRO B 248 -26.52 8.77 -17.34
N GLU B 249 -26.67 7.64 -18.05
CA GLU B 249 -26.91 6.33 -17.45
C GLU B 249 -25.67 5.45 -17.36
N ASN B 250 -24.54 5.95 -17.83
CA ASN B 250 -23.35 5.14 -17.94
C ASN B 250 -22.74 4.99 -16.55
N PRO B 251 -22.59 3.77 -16.02
CA PRO B 251 -22.20 3.62 -14.62
C PRO B 251 -20.74 3.99 -14.39
N LYS B 252 -19.90 3.87 -15.40
CA LYS B 252 -18.52 4.33 -15.25
C LYS B 252 -18.47 5.82 -14.98
N TRP B 253 -19.21 6.63 -15.78
CA TRP B 253 -19.16 8.08 -15.57
C TRP B 253 -19.83 8.48 -14.27
N LEU B 254 -20.90 7.76 -13.91
CA LEU B 254 -21.56 8.03 -12.64
C LEU B 254 -20.59 7.78 -11.49
N PHE B 255 -19.82 6.71 -11.60
CA PHE B 255 -18.77 6.44 -10.59
C PHE B 255 -17.73 7.55 -10.54
N PHE B 256 -17.14 7.89 -11.68
CA PHE B 256 -16.10 8.93 -11.69
C PHE B 256 -16.63 10.22 -11.10
N PHE B 257 -17.89 10.56 -11.41
CA PHE B 257 -18.45 11.79 -10.87
C PHE B 257 -18.61 11.71 -9.35
N GLY B 258 -19.18 10.62 -8.85
CA GLY B 258 -19.31 10.50 -7.40
C GLY B 258 -17.97 10.54 -6.69
N ARG B 259 -16.97 9.83 -7.23
CA ARG B 259 -15.64 9.83 -6.64
C ARG B 259 -15.06 11.24 -6.62
N GLU B 260 -15.20 11.97 -7.73
CA GLU B 260 -14.65 13.33 -7.75
C GLU B 260 -15.41 14.21 -6.78
N LEU B 261 -16.72 14.02 -6.64
CA LEU B 261 -17.43 14.73 -5.58
C LEU B 261 -16.80 14.42 -4.23
N HIS B 262 -16.53 13.15 -3.97
CA HIS B 262 -16.00 12.82 -2.65
C HIS B 262 -14.65 13.48 -2.45
N LEU B 263 -13.79 13.47 -3.48
CA LEU B 263 -12.50 14.13 -3.36
C LEU B 263 -12.63 15.62 -3.13
N LEU B 264 -13.77 16.22 -3.47
CA LEU B 264 -14.04 17.63 -3.20
C LEU B 264 -14.91 17.81 -1.96
N ASP B 265 -14.86 16.85 -1.03
CA ASP B 265 -15.56 16.95 0.26
C ASP B 265 -17.05 17.18 0.07
N LYS B 266 -17.63 16.61 -0.99
CA LYS B 266 -19.08 16.62 -1.12
C LYS B 266 -19.67 15.21 -0.99
N ASP B 267 -19.31 14.50 0.10
CA ASP B 267 -19.67 13.08 0.26
C ASP B 267 -21.17 12.85 0.12
N GLU B 268 -21.99 13.81 0.55
CA GLU B 268 -23.44 13.60 0.50
C GLU B 268 -23.99 13.56 -0.93
N GLU B 269 -23.48 14.41 -1.82
CA GLU B 269 -23.95 14.34 -3.22
C GLU B 269 -23.35 13.13 -3.90
N ALA B 270 -22.12 12.79 -3.54
CA ALA B 270 -21.45 11.65 -4.13
C ALA B 270 -22.26 10.36 -3.96
N ILE B 271 -22.96 10.23 -2.84
CA ILE B 271 -23.66 8.97 -2.51
C ILE B 271 -24.75 8.66 -3.55
N ASP B 272 -25.55 9.66 -3.95
CA ASP B 272 -26.61 9.39 -4.93
C ASP B 272 -26.05 8.94 -6.27
N TYR B 273 -24.93 9.53 -6.69
CA TYR B 273 -24.29 9.10 -7.92
C TYR B 273 -23.71 7.69 -7.80
N LEU B 274 -23.09 7.37 -6.65
CA LEU B 274 -22.58 6.01 -6.44
C LEU B 274 -23.71 4.98 -6.40
N LYS B 275 -24.83 5.30 -5.74
CA LYS B 275 -25.98 4.39 -5.75
C LYS B 275 -26.49 4.13 -7.16
N LYS B 276 -26.54 5.19 -7.97
CA LYS B 276 -26.99 5.03 -9.35
C LYS B 276 -25.99 4.26 -10.19
N SER B 277 -24.70 4.59 -10.06
CA SER B 277 -23.67 3.80 -10.72
C SER B 277 -23.84 2.31 -10.42
N ILE B 278 -23.95 1.96 -9.14
CA ILE B 278 -24.01 0.55 -8.76
C ILE B 278 -25.26 -0.09 -9.33
N ASN B 279 -26.38 0.63 -9.28
CA ASN B 279 -27.60 0.13 -9.89
C ASN B 279 -27.36 -0.23 -11.35
N ASN B 280 -26.75 0.68 -12.09
CA ASN B 280 -26.61 0.53 -13.53
C ASN B 280 -25.49 -0.41 -13.90
N TYR B 281 -24.59 -0.79 -12.96
CA TYR B 281 -23.50 -1.69 -13.35
C TYR B 281 -23.96 -3.14 -13.57
N LYS B 282 -25.14 -3.49 -13.09
CA LYS B 282 -25.52 -4.90 -13.12
C LYS B 282 -25.64 -5.41 -14.55
N LYS B 283 -26.20 -4.60 -15.44
CA LYS B 283 -26.37 -4.97 -16.84
C LYS B 283 -25.29 -4.39 -17.76
N PHE B 284 -24.18 -3.89 -17.20
CA PHE B 284 -23.23 -3.12 -17.99
C PHE B 284 -22.05 -4.01 -18.33
N ASN B 285 -21.51 -3.86 -19.50
CA ASN B 285 -20.56 -4.88 -19.89
C ASN B 285 -19.11 -4.58 -19.44
N ASP B 286 -18.75 -3.30 -19.27
CA ASP B 286 -17.42 -2.93 -18.75
C ASP B 286 -17.55 -2.67 -17.25
N GLN B 287 -17.37 -3.69 -16.44
CA GLN B 287 -17.55 -3.61 -14.99
C GLN B 287 -16.24 -3.30 -14.23
N ARG B 288 -15.25 -2.70 -14.90
CA ARG B 288 -13.93 -2.58 -14.29
C ARG B 288 -13.98 -1.74 -13.02
N HIS B 289 -14.80 -0.71 -12.98
CA HIS B 289 -14.83 0.12 -11.79
C HIS B 289 -15.98 -0.23 -10.84
N PHE B 290 -16.68 -1.35 -11.08
CA PHE B 290 -17.79 -1.74 -10.21
C PHE B 290 -17.31 -1.94 -8.78
N ILE B 291 -16.17 -2.60 -8.60
CA ILE B 291 -15.66 -2.86 -7.25
C ILE B 291 -15.29 -1.56 -6.55
N ASP B 292 -14.68 -0.63 -7.28
CA ASP B 292 -14.30 0.65 -6.70
C ASP B 292 -15.52 1.46 -6.29
N ALA B 293 -16.58 1.44 -7.10
CA ALA B 293 -17.80 2.16 -6.70
C ALA B 293 -18.39 1.54 -5.43
N LEU B 294 -18.42 0.22 -5.35
CA LEU B 294 -18.92 -0.46 -4.14
C LEU B 294 -18.06 -0.10 -2.93
N VAL B 295 -16.74 -0.18 -3.07
CA VAL B 295 -15.85 0.10 -1.93
C VAL B 295 -15.98 1.56 -1.51
N LEU B 296 -16.04 2.48 -2.47
CA LEU B 296 -16.19 3.89 -2.11
C LEU B 296 -17.49 4.12 -1.40
N LEU B 297 -18.60 3.60 -1.92
CA LEU B 297 -19.89 3.82 -1.26
C LEU B 297 -19.92 3.24 0.15
N CYS B 298 -19.47 1.99 0.33
CA CYS B 298 -19.36 1.45 1.69
C CYS B 298 -18.54 2.38 2.60
N THR B 299 -17.40 2.88 2.11
CA THR B 299 -16.61 3.82 2.94
C THR B 299 -17.44 5.00 3.37
N LEU B 300 -18.18 5.63 2.43
CA LEU B 300 -18.97 6.80 2.76
C LEU B 300 -20.12 6.46 3.70
N LEU B 301 -20.83 5.36 3.46
CA LEU B 301 -21.93 5.00 4.36
C LEU B 301 -21.41 4.68 5.75
N LEU B 302 -20.28 3.98 5.83
CA LEU B 302 -19.65 3.73 7.12
C LEU B 302 -19.39 5.03 7.86
N GLN B 303 -18.66 5.96 7.21
CA GLN B 303 -18.33 7.26 7.81
C GLN B 303 -19.57 7.99 8.30
N ARG B 304 -20.67 7.88 7.58
CA ARG B 304 -21.88 8.52 8.04
C ARG B 304 -22.67 7.68 9.04
N ASN B 305 -22.14 6.54 9.46
CA ASN B 305 -22.86 5.63 10.36
C ASN B 305 -24.18 5.16 9.78
N ASN B 306 -24.25 4.98 8.46
CA ASN B 306 -25.47 4.40 7.91
C ASN B 306 -25.28 2.89 7.80
N TYR B 307 -25.49 2.19 8.92
CA TYR B 307 -25.19 0.76 8.94
C TYR B 307 -26.22 -0.02 8.16
N VAL B 308 -27.48 0.37 8.26
CA VAL B 308 -28.53 -0.29 7.48
C VAL B 308 -28.17 -0.29 5.99
N ASP B 309 -27.80 0.88 5.43
CA ASP B 309 -27.50 0.89 4.00
C ASP B 309 -26.11 0.34 3.71
N LEU B 310 -25.15 0.53 4.63
CA LEU B 310 -23.84 -0.11 4.46
C LEU B 310 -23.98 -1.62 4.26
N THR B 311 -24.77 -2.26 5.12
CA THR B 311 -24.99 -3.71 5.04
C THR B 311 -25.45 -4.14 3.65
N LEU B 312 -26.38 -3.38 3.06
CA LEU B 312 -26.90 -3.71 1.74
C LEU B 312 -25.79 -3.76 0.70
N TYR B 313 -25.02 -2.70 0.62
CA TYR B 313 -23.96 -2.61 -0.38
C TYR B 313 -22.79 -3.48 -0.02
N LEU B 314 -22.52 -3.65 1.28
CA LEU B 314 -21.45 -4.61 1.66
C LEU B 314 -21.80 -6.02 1.20
N ASP B 315 -23.06 -6.42 1.36
CA ASP B 315 -23.48 -7.74 0.90
C ASP B 315 -23.32 -7.88 -0.60
N ILE B 316 -23.70 -6.86 -1.38
CA ILE B 316 -23.46 -6.91 -2.82
C ILE B 316 -21.97 -7.02 -3.12
N LEU B 317 -21.17 -6.22 -2.43
CA LEU B 317 -19.72 -6.24 -2.66
C LEU B 317 -19.17 -7.66 -2.50
N GLU B 318 -19.56 -8.33 -1.42
CA GLU B 318 -18.98 -9.65 -1.15
C GLU B 318 -19.49 -10.70 -2.12
N THR B 319 -20.74 -10.59 -2.53
CA THR B 319 -21.26 -11.51 -3.54
C THR B 319 -20.56 -11.31 -4.88
N GLU B 320 -20.44 -10.04 -5.35
CA GLU B 320 -19.81 -9.79 -6.65
C GLU B 320 -18.32 -10.00 -6.61
N TYR B 321 -17.66 -9.64 -5.50
CA TYR B 321 -16.21 -9.69 -5.44
C TYR B 321 -15.78 -10.36 -4.12
N PRO B 322 -15.98 -11.68 -4.03
CA PRO B 322 -15.68 -12.39 -2.76
C PRO B 322 -14.23 -12.25 -2.31
N ARG B 323 -13.29 -12.07 -3.23
CA ARG B 323 -11.90 -11.85 -2.87
C ARG B 323 -11.61 -10.39 -2.58
N CYS B 324 -12.62 -9.52 -2.40
CA CYS B 324 -12.28 -8.12 -2.24
C CYS B 324 -11.59 -7.93 -0.90
N VAL B 325 -10.41 -7.29 -0.93
CA VAL B 325 -9.60 -7.21 0.27
C VAL B 325 -10.21 -6.30 1.32
N ASP B 326 -11.18 -5.47 0.95
CA ASP B 326 -11.80 -4.52 1.88
C ASP B 326 -13.03 -5.06 2.61
N VAL B 327 -13.58 -6.19 2.18
CA VAL B 327 -14.83 -6.69 2.78
C VAL B 327 -14.65 -6.92 4.29
N ASP B 328 -13.55 -7.57 4.67
CA ASP B 328 -13.34 -7.90 6.10
C ASP B 328 -13.31 -6.64 6.96
N TYR B 329 -12.72 -5.55 6.48
CA TYR B 329 -12.70 -4.29 7.22
C TYR B 329 -14.11 -3.75 7.49
N PHE B 330 -14.95 -3.64 6.45
CA PHE B 330 -16.31 -3.14 6.69
C PHE B 330 -17.09 -4.05 7.61
N ARG B 331 -16.94 -5.37 7.46
CA ARG B 331 -17.65 -6.31 8.34
C ARG B 331 -17.20 -6.13 9.79
N SER B 332 -15.90 -5.87 10.00
CA SER B 332 -15.37 -5.69 11.36
C SER B 332 -15.82 -4.37 11.97
N ALA B 333 -16.17 -3.37 11.15
CA ALA B 333 -16.59 -2.08 11.67
C ALA B 333 -18.06 -2.06 12.10
N ILE B 334 -18.82 -3.07 11.77
CA ILE B 334 -20.20 -3.13 12.25
C ILE B 334 -20.38 -4.33 13.17
#